data_5AJK
#
_entry.id   5AJK
#
_cell.length_a   124.774
_cell.length_b   68.762
_cell.length_c   171.598
_cell.angle_alpha   90.00
_cell.angle_beta   109.43
_cell.angle_gamma   90.00
#
_symmetry.space_group_name_H-M   'I 1 2 1'
#
loop_
_entity.id
_entity.type
_entity.pdbx_description
1 polymer 'HOMOLOG OF VACCINIA VIRUS CDS F1L'
2 polymer 'BCL-2 HOMOLOGOUS ANTAGONIST/KILLER'
3 non-polymer 'CHLORIDE ION'
4 non-polymer 'ACETATE ION'
5 water water
#
loop_
_entity_poly.entity_id
_entity_poly.type
_entity_poly.pdbx_seq_one_letter_code
_entity_poly.pdbx_strand_id
1 'polypeptide(L)'
;GPLGSKASNNDDHNYVYPLPENMVYRFNKSTNILDYLSTERDHVMMAVQYYMSKQRLDDLYRQLPTKTRSYIDIINMYCD
KVNNDYNRDMNIMYDMASTESFTVYDINNEVNTILMDNKGLGVRLATISFITELGKRCMNPVETIKMFTLLSHTICDDCF
IDYITDIS
;
A,C,E,G,I,K
2 'polypeptide(L)' PSSTMGQVGRQLAIIGDDINRRYDSE B,D,F,H,J,L
#
# COMPACT_ATOMS: atom_id res chain seq x y z
N HIS A 13 12.60 28.18 -0.84
CA HIS A 13 11.44 28.68 -0.12
C HIS A 13 10.89 29.95 -0.77
N ASN A 14 10.72 29.91 -2.09
CA ASN A 14 10.13 31.04 -2.81
C ASN A 14 8.62 31.04 -2.58
N TYR A 15 7.89 31.73 -3.43
CA TYR A 15 6.43 31.77 -3.32
C TYR A 15 5.83 30.38 -3.49
N VAL A 16 4.56 30.24 -3.13
CA VAL A 16 3.86 28.97 -3.21
C VAL A 16 2.67 29.10 -4.15
N TYR A 17 2.58 28.18 -5.11
CA TYR A 17 1.46 28.18 -6.04
C TYR A 17 0.21 27.74 -5.29
N PRO A 18 -0.87 28.55 -5.32
CA PRO A 18 -2.07 28.17 -4.58
C PRO A 18 -2.70 26.87 -5.07
N LEU A 19 -3.49 26.24 -4.22
CA LEU A 19 -4.24 25.06 -4.64
C LEU A 19 -5.36 25.48 -5.57
N PRO A 20 -5.86 24.55 -6.40
CA PRO A 20 -6.98 24.85 -7.30
C PRO A 20 -8.20 25.41 -6.57
N GLU A 21 -8.98 26.23 -7.27
CA GLU A 21 -10.17 26.84 -6.67
C GLU A 21 -11.25 25.80 -6.43
N SER A 30 -2.37 7.67 -12.27
CA SER A 30 -1.96 6.39 -11.71
C SER A 30 -2.27 6.31 -10.23
N THR A 31 -2.62 5.12 -9.76
CA THR A 31 -3.01 4.93 -8.36
C THR A 31 -2.08 3.98 -7.62
N ASN A 32 -0.90 3.74 -8.21
CA ASN A 32 0.14 2.98 -7.53
C ASN A 32 0.92 3.88 -6.59
N ILE A 33 0.90 3.54 -5.31
CA ILE A 33 1.56 4.35 -4.28
C ILE A 33 3.03 4.59 -4.59
N LEU A 34 3.68 3.61 -5.22
CA LEU A 34 5.10 3.67 -5.45
C LEU A 34 5.47 4.68 -6.54
N ASP A 35 4.47 5.13 -7.29
CA ASP A 35 4.68 6.19 -8.27
C ASP A 35 4.73 7.56 -7.59
N TYR A 36 4.70 7.55 -6.26
CA TYR A 36 4.73 8.77 -5.47
C TYR A 36 5.74 8.66 -4.34
N LEU A 37 6.64 7.68 -4.44
CA LEU A 37 7.67 7.47 -3.43
C LEU A 37 9.03 7.17 -4.09
N SER A 38 9.38 7.94 -5.12
CA SER A 38 10.62 7.71 -5.84
C SER A 38 11.80 8.39 -5.16
N THR A 39 11.61 9.67 -4.80
CA THR A 39 12.67 10.45 -4.18
C THR A 39 12.59 10.39 -2.66
N GLU A 40 13.67 10.80 -2.00
CA GLU A 40 13.70 10.85 -0.55
C GLU A 40 12.71 11.89 -0.04
N ARG A 41 12.55 12.96 -0.80
CA ARG A 41 11.60 14.01 -0.44
C ARG A 41 10.18 13.43 -0.39
N ASP A 42 9.87 12.57 -1.36
CA ASP A 42 8.56 11.92 -1.41
C ASP A 42 8.33 11.07 -0.17
N HIS A 43 9.33 10.29 0.21
CA HIS A 43 9.24 9.40 1.36
C HIS A 43 9.00 10.17 2.65
N VAL A 44 9.79 11.22 2.86
CA VAL A 44 9.72 12.00 4.09
C VAL A 44 8.42 12.79 4.13
N MET A 45 7.99 13.31 2.99
CA MET A 45 6.70 14.02 2.91
C MET A 45 5.56 13.06 3.23
N MET A 46 5.66 11.84 2.73
CA MET A 46 4.64 10.84 2.97
C MET A 46 4.57 10.53 4.46
N ALA A 47 5.73 10.49 5.11
CA ALA A 47 5.81 10.22 6.54
C ALA A 47 5.18 11.36 7.34
N VAL A 48 5.53 12.60 6.98
CA VAL A 48 5.02 13.77 7.69
C VAL A 48 3.51 13.91 7.54
N GLN A 49 2.99 13.70 6.34
CA GLN A 49 1.57 13.84 6.08
C GLN A 49 0.78 12.73 6.78
N TYR A 50 1.35 11.54 6.84
CA TYR A 50 0.68 10.44 7.51
C TYR A 50 0.65 10.68 9.02
N TYR A 51 1.76 11.21 9.54
CA TYR A 51 1.84 11.55 10.95
C TYR A 51 0.74 12.53 11.33
N MET A 52 0.65 13.62 10.59
CA MET A 52 -0.37 14.64 10.84
C MET A 52 -1.76 14.05 10.77
N SER A 53 -2.02 13.25 9.75
CA SER A 53 -3.35 12.70 9.53
C SER A 53 -3.73 11.64 10.57
N LYS A 54 -2.76 10.82 10.97
CA LYS A 54 -3.02 9.79 11.96
C LYS A 54 -3.23 10.41 13.33
N GLN A 55 -2.45 11.43 13.64
CA GLN A 55 -2.57 12.15 14.91
C GLN A 55 -3.95 12.76 15.03
N ARG A 56 -4.40 13.45 13.99
CA ARG A 56 -5.71 14.09 13.98
C ARG A 56 -6.82 13.05 14.12
N LEU A 57 -6.70 11.96 13.37
CA LEU A 57 -7.77 10.97 13.29
C LEU A 57 -7.93 10.20 14.59
N ASP A 58 -6.82 9.93 15.27
CA ASP A 58 -6.85 9.28 16.58
C ASP A 58 -7.46 10.22 17.63
N ASP A 59 -7.07 11.49 17.56
CA ASP A 59 -7.57 12.49 18.50
C ASP A 59 -9.05 12.75 18.28
N LEU A 60 -9.50 12.62 17.03
CA LEU A 60 -10.90 12.80 16.71
C LEU A 60 -11.73 11.68 17.30
N TYR A 61 -11.30 10.44 17.04
CA TYR A 61 -12.01 9.26 17.53
C TYR A 61 -12.06 9.26 19.06
N ARG A 62 -10.98 9.72 19.68
CA ARG A 62 -10.87 9.74 21.13
C ARG A 62 -11.95 10.64 21.72
N GLN A 63 -12.38 11.64 20.97
CA GLN A 63 -13.34 12.63 21.44
C GLN A 63 -14.76 12.32 21.00
N LEU A 64 -14.93 11.33 20.13
CA LEU A 64 -16.27 11.02 19.63
C LEU A 64 -17.13 10.44 20.74
N PRO A 65 -18.37 10.93 20.89
CA PRO A 65 -19.28 10.39 21.91
C PRO A 65 -19.50 8.88 21.75
N THR A 66 -19.98 8.25 22.81
CA THR A 66 -20.25 6.81 22.79
C THR A 66 -21.26 6.47 21.69
N LYS A 67 -22.11 7.43 21.38
CA LYS A 67 -23.19 7.25 20.42
C LYS A 67 -22.66 7.17 18.99
N THR A 68 -21.75 8.08 18.65
CA THR A 68 -21.16 8.11 17.32
C THR A 68 -20.38 6.83 17.06
N ARG A 69 -19.68 6.37 18.10
CA ARG A 69 -18.85 5.17 17.99
C ARG A 69 -19.67 3.94 17.66
N SER A 70 -20.92 3.93 18.11
CA SER A 70 -21.81 2.80 17.86
C SER A 70 -22.32 2.85 16.43
N TYR A 71 -22.48 4.05 15.89
CA TYR A 71 -22.83 4.21 14.49
C TYR A 71 -21.67 3.80 13.61
N ILE A 72 -20.45 4.09 14.07
CA ILE A 72 -19.25 3.65 13.36
C ILE A 72 -19.18 2.12 13.34
N ASP A 73 -19.46 1.50 14.47
CA ASP A 73 -19.46 0.04 14.58
C ASP A 73 -20.44 -0.59 13.59
N ILE A 74 -21.62 0.01 13.48
CA ILE A 74 -22.64 -0.49 12.57
C ILE A 74 -22.17 -0.35 11.13
N ILE A 75 -21.64 0.82 10.78
CA ILE A 75 -21.18 1.06 9.42
C ILE A 75 -19.96 0.21 9.12
N ASN A 76 -19.12 -0.02 10.13
CA ASN A 76 -17.99 -0.93 9.97
C ASN A 76 -18.46 -2.31 9.56
N MET A 77 -19.47 -2.83 10.26
CA MET A 77 -19.94 -4.18 10.03
C MET A 77 -20.53 -4.35 8.63
N TYR A 78 -21.48 -3.49 8.28
CA TYR A 78 -22.19 -3.62 7.02
C TYR A 78 -21.30 -3.35 5.81
N CYS A 79 -20.51 -2.29 5.87
CA CYS A 79 -19.71 -1.90 4.72
C CYS A 79 -18.49 -2.79 4.52
N ASP A 80 -17.98 -3.38 5.60
CA ASP A 80 -16.89 -4.35 5.46
C ASP A 80 -17.42 -5.59 4.77
N LYS A 81 -18.67 -5.93 5.04
CA LYS A 81 -19.31 -7.07 4.39
C LYS A 81 -19.46 -6.81 2.90
N VAL A 82 -19.95 -5.62 2.55
CA VAL A 82 -20.11 -5.23 1.15
C VAL A 82 -18.77 -5.22 0.42
N ASN A 83 -17.74 -4.71 1.07
CA ASN A 83 -16.41 -4.65 0.48
C ASN A 83 -15.88 -6.02 0.06
N ASN A 84 -16.17 -7.02 0.88
CA ASN A 84 -15.66 -8.37 0.65
C ASN A 84 -16.61 -9.19 -0.22
N ASP A 85 -17.90 -8.95 -0.10
CA ASP A 85 -18.90 -9.68 -0.86
C ASP A 85 -19.01 -9.17 -2.29
N TYR A 86 -18.69 -7.90 -2.50
CA TYR A 86 -18.86 -7.27 -3.79
C TYR A 86 -17.55 -6.63 -4.26
N ASN A 87 -16.44 -7.24 -3.87
CA ASN A 87 -15.12 -6.75 -4.26
C ASN A 87 -14.97 -6.60 -5.77
N ARG A 88 -15.39 -7.63 -6.52
CA ARG A 88 -15.31 -7.59 -7.97
C ARG A 88 -16.11 -6.43 -8.55
N ASP A 89 -17.24 -6.14 -7.92
CA ASP A 89 -18.12 -5.09 -8.40
C ASP A 89 -17.55 -3.70 -8.11
N MET A 90 -16.85 -3.58 -6.98
CA MET A 90 -16.22 -2.31 -6.64
C MET A 90 -15.13 -1.98 -7.66
N ASN A 91 -14.38 -3.00 -8.06
CA ASN A 91 -13.32 -2.84 -9.05
C ASN A 91 -13.90 -2.53 -10.44
N ILE A 92 -14.96 -3.24 -10.79
CA ILE A 92 -15.66 -3.00 -12.05
C ILE A 92 -16.11 -1.55 -12.14
N MET A 93 -16.82 -1.09 -11.11
CA MET A 93 -17.35 0.27 -11.09
C MET A 93 -16.23 1.31 -11.15
N TYR A 94 -15.13 1.03 -10.46
CA TYR A 94 -13.99 1.92 -10.50
C TYR A 94 -13.48 2.07 -11.93
N ASP A 95 -13.46 0.95 -12.66
CA ASP A 95 -13.03 0.97 -14.06
C ASP A 95 -14.01 1.73 -14.93
N MET A 96 -15.31 1.52 -14.70
CA MET A 96 -16.34 2.24 -15.43
C MET A 96 -16.15 3.74 -15.25
N ALA A 97 -15.73 4.14 -14.06
CA ALA A 97 -15.57 5.55 -13.74
C ALA A 97 -14.31 6.14 -14.37
N SER A 98 -13.18 5.45 -14.19
CA SER A 98 -11.90 5.96 -14.64
C SER A 98 -11.64 5.70 -16.12
N THR A 99 -12.71 5.40 -16.86
CA THR A 99 -12.60 5.26 -18.31
C THR A 99 -12.51 6.65 -18.94
N GLU A 100 -13.06 7.63 -18.22
CA GLU A 100 -12.94 9.04 -18.61
C GLU A 100 -12.86 9.90 -17.36
N SER A 101 -12.18 11.05 -17.47
CA SER A 101 -12.04 11.95 -16.33
C SER A 101 -13.40 12.45 -15.86
N PHE A 102 -13.59 12.44 -14.55
CA PHE A 102 -14.83 12.90 -13.93
C PHE A 102 -14.52 13.65 -12.65
N THR A 103 -15.35 14.64 -12.33
CA THR A 103 -15.14 15.45 -11.14
C THR A 103 -15.85 14.84 -9.94
N VAL A 104 -15.59 15.41 -8.76
CA VAL A 104 -16.26 14.99 -7.53
C VAL A 104 -17.74 15.30 -7.61
N TYR A 105 -18.08 16.38 -8.32
CA TYR A 105 -19.47 16.80 -8.46
C TYR A 105 -20.24 15.85 -9.37
N ASP A 106 -19.54 15.24 -10.32
CA ASP A 106 -20.16 14.29 -11.24
C ASP A 106 -20.67 13.08 -10.47
N ILE A 107 -19.79 12.45 -9.70
CA ILE A 107 -20.17 11.27 -8.94
C ILE A 107 -21.17 11.61 -7.84
N ASN A 108 -21.04 12.80 -7.28
CA ASN A 108 -21.97 13.25 -6.26
C ASN A 108 -23.37 13.43 -6.82
N ASN A 109 -23.47 14.11 -7.95
CA ASN A 109 -24.74 14.30 -8.65
C ASN A 109 -25.39 12.96 -8.99
N GLU A 110 -24.58 12.03 -9.47
CA GLU A 110 -25.07 10.70 -9.83
C GLU A 110 -25.65 9.99 -8.61
N VAL A 111 -24.89 9.95 -7.52
CA VAL A 111 -25.34 9.36 -6.28
C VAL A 111 -26.63 10.02 -5.79
N ASN A 112 -26.72 11.34 -5.97
CA ASN A 112 -27.88 12.09 -5.52
C ASN A 112 -29.14 11.67 -6.28
N THR A 113 -29.01 11.51 -7.59
CA THR A 113 -30.15 11.16 -8.44
C THR A 113 -30.73 9.78 -8.09
N ILE A 114 -29.85 8.85 -7.74
CA ILE A 114 -30.27 7.50 -7.38
C ILE A 114 -31.01 7.47 -6.06
N LEU A 115 -30.42 8.07 -5.04
CA LEU A 115 -31.01 8.08 -3.71
C LEU A 115 -32.38 8.78 -3.72
N MET A 116 -32.60 9.63 -4.72
CA MET A 116 -33.88 10.34 -4.87
C MET A 116 -35.04 9.37 -5.13
N ASP A 117 -34.87 8.50 -6.13
CA ASP A 117 -35.90 7.52 -6.49
C ASP A 117 -35.45 6.10 -6.15
N ASN A 118 -34.79 5.96 -5.00
CA ASN A 118 -34.38 4.66 -4.49
C ASN A 118 -34.11 4.78 -2.99
N LYS A 119 -35.04 4.27 -2.19
CA LYS A 119 -35.02 4.47 -0.74
C LYS A 119 -34.65 3.19 0.03
N GLY A 120 -33.87 2.34 -0.62
CA GLY A 120 -33.39 1.13 0.03
C GLY A 120 -32.10 1.39 0.79
N LEU A 121 -31.78 0.50 1.72
CA LEU A 121 -30.56 0.63 2.50
C LEU A 121 -29.35 0.17 1.70
N GLY A 122 -29.54 -0.89 0.92
CA GLY A 122 -28.45 -1.49 0.17
C GLY A 122 -27.68 -0.51 -0.68
N VAL A 123 -28.38 0.28 -1.49
CA VAL A 123 -27.74 1.20 -2.43
C VAL A 123 -26.87 2.21 -1.68
N ARG A 124 -27.28 2.55 -0.46
CA ARG A 124 -26.54 3.52 0.35
C ARG A 124 -25.27 2.89 0.93
N LEU A 125 -25.37 1.66 1.40
CA LEU A 125 -24.20 0.95 1.90
C LEU A 125 -23.23 0.67 0.75
N ALA A 126 -23.77 0.40 -0.43
CA ALA A 126 -22.94 0.15 -1.61
C ALA A 126 -22.18 1.41 -2.00
N THR A 127 -22.87 2.55 -1.95
CA THR A 127 -22.26 3.83 -2.28
C THR A 127 -21.14 4.17 -1.32
N ILE A 128 -21.34 3.95 -0.02
CA ILE A 128 -20.31 4.20 0.97
C ILE A 128 -19.07 3.35 0.66
N SER A 129 -19.30 2.09 0.36
CA SER A 129 -18.22 1.18 0.00
C SER A 129 -17.49 1.61 -1.27
N PHE A 130 -18.22 2.15 -2.23
CA PHE A 130 -17.60 2.54 -3.49
C PHE A 130 -16.80 3.82 -3.33
N ILE A 131 -17.40 4.85 -2.74
CA ILE A 131 -16.70 6.12 -2.51
C ILE A 131 -15.45 5.87 -1.67
N THR A 132 -15.56 4.96 -0.70
CA THR A 132 -14.41 4.57 0.11
C THR A 132 -13.32 3.99 -0.78
N GLU A 133 -13.73 3.21 -1.78
CA GLU A 133 -12.78 2.60 -2.70
C GLU A 133 -12.07 3.67 -3.53
N LEU A 134 -12.83 4.61 -4.07
CA LEU A 134 -12.25 5.73 -4.82
C LEU A 134 -11.27 6.49 -3.93
N GLY A 135 -11.58 6.57 -2.65
CA GLY A 135 -10.69 7.23 -1.71
C GLY A 135 -9.33 6.54 -1.66
N LYS A 136 -9.36 5.22 -1.56
CA LYS A 136 -8.13 4.44 -1.50
C LYS A 136 -7.32 4.56 -2.81
N ARG A 137 -8.01 4.70 -3.93
CA ARG A 137 -7.33 4.78 -5.22
C ARG A 137 -6.79 6.18 -5.49
N CYS A 138 -7.46 7.18 -4.92
CA CYS A 138 -7.04 8.56 -5.12
C CYS A 138 -5.76 8.85 -4.36
N MET A 139 -4.87 9.61 -4.99
CA MET A 139 -3.57 9.94 -4.41
C MET A 139 -3.48 11.43 -4.08
N ASN A 140 -4.59 12.14 -4.28
CA ASN A 140 -4.70 13.55 -3.94
C ASN A 140 -5.42 13.71 -2.61
N PRO A 141 -4.69 14.00 -1.52
CA PRO A 141 -5.31 14.07 -0.19
C PRO A 141 -6.49 15.05 -0.12
N VAL A 142 -6.29 16.26 -0.63
CA VAL A 142 -7.31 17.30 -0.55
C VAL A 142 -8.60 16.91 -1.30
N GLU A 143 -8.46 16.41 -2.52
CA GLU A 143 -9.63 16.04 -3.30
C GLU A 143 -10.35 14.83 -2.70
N THR A 144 -9.58 13.96 -2.07
CA THR A 144 -10.14 12.79 -1.40
C THR A 144 -11.06 13.21 -0.26
N ILE A 145 -10.56 14.05 0.65
CA ILE A 145 -11.35 14.46 1.81
C ILE A 145 -12.52 15.31 1.35
N LYS A 146 -12.34 16.07 0.29
CA LYS A 146 -13.44 16.82 -0.30
C LYS A 146 -14.55 15.88 -0.74
N MET A 147 -14.16 14.78 -1.37
CA MET A 147 -15.11 13.79 -1.83
C MET A 147 -15.84 13.16 -0.65
N PHE A 148 -15.08 12.69 0.34
CA PHE A 148 -15.65 12.09 1.54
C PHE A 148 -16.63 13.04 2.21
N THR A 149 -16.24 14.30 2.38
CA THR A 149 -17.09 15.27 3.04
C THR A 149 -18.38 15.50 2.25
N LEU A 150 -18.25 15.70 0.94
CA LEU A 150 -19.40 16.01 0.10
C LEU A 150 -20.35 14.83 -0.03
N LEU A 151 -19.81 13.66 -0.35
CA LEU A 151 -20.62 12.47 -0.56
C LEU A 151 -21.29 11.99 0.74
N SER A 152 -20.62 12.18 1.87
CA SER A 152 -21.18 11.75 3.15
C SER A 152 -22.46 12.51 3.46
N HIS A 153 -22.51 13.79 3.06
CA HIS A 153 -23.73 14.58 3.19
C HIS A 153 -24.83 13.98 2.32
N THR A 154 -24.48 13.65 1.08
CA THR A 154 -25.45 13.13 0.12
C THR A 154 -26.00 11.77 0.54
N ILE A 155 -25.12 10.92 1.05
CA ILE A 155 -25.51 9.56 1.45
C ILE A 155 -26.42 9.60 2.68
N CYS A 156 -26.11 10.46 3.63
CA CYS A 156 -26.85 10.51 4.88
C CYS A 156 -28.12 11.35 4.76
N ASP A 157 -28.99 10.99 3.82
CA ASP A 157 -30.29 11.64 3.70
C ASP A 157 -31.22 11.11 4.80
N ASP A 158 -32.44 11.65 4.86
CA ASP A 158 -33.39 11.27 5.90
C ASP A 158 -33.65 9.77 5.91
N CYS A 159 -33.70 9.19 4.71
CA CYS A 159 -33.93 7.76 4.58
C CYS A 159 -32.83 6.94 5.24
N PHE A 160 -31.59 7.39 5.10
CA PHE A 160 -30.45 6.62 5.59
C PHE A 160 -30.32 6.69 7.11
N ILE A 161 -30.48 7.88 7.67
CA ILE A 161 -30.34 8.04 9.12
C ILE A 161 -31.43 7.27 9.85
N ASP A 162 -32.58 7.11 9.20
CA ASP A 162 -33.68 6.33 9.76
C ASP A 162 -33.28 4.86 9.87
N TYR A 163 -32.60 4.35 8.84
CA TYR A 163 -32.13 2.96 8.86
C TYR A 163 -31.12 2.76 9.99
N ILE A 164 -30.18 3.69 10.12
CA ILE A 164 -29.09 3.56 11.08
C ILE A 164 -29.51 3.69 12.55
N THR A 165 -30.45 4.59 12.83
CA THR A 165 -30.88 4.81 14.21
C THR A 165 -31.85 3.73 14.70
N ASP A 166 -32.37 2.93 13.76
CA ASP A 166 -33.26 1.82 14.11
C ASP A 166 -32.48 0.54 14.39
N ILE A 167 -31.34 0.38 13.71
CA ILE A 167 -30.48 -0.78 13.92
C ILE A 167 -29.69 -0.60 15.22
N SER A 168 -29.44 0.64 15.60
CA SER A 168 -28.75 0.94 16.86
C SER A 168 -29.69 0.72 18.04
N SER B 2 -22.45 11.82 -18.74
CA SER B 2 -23.35 11.11 -17.82
C SER B 2 -23.53 9.65 -18.21
N SER B 3 -22.95 9.26 -19.34
CA SER B 3 -23.06 7.89 -19.81
C SER B 3 -22.30 6.93 -18.89
N THR B 4 -21.01 7.22 -18.69
CA THR B 4 -20.17 6.36 -17.87
C THR B 4 -20.59 6.43 -16.41
N MET B 5 -21.09 7.58 -15.99
CA MET B 5 -21.56 7.76 -14.62
C MET B 5 -22.90 7.06 -14.41
N GLY B 6 -23.69 6.99 -15.47
CA GLY B 6 -24.98 6.32 -15.41
C GLY B 6 -24.82 4.83 -15.19
N GLN B 7 -23.75 4.26 -15.76
CA GLN B 7 -23.46 2.84 -15.59
C GLN B 7 -23.11 2.54 -14.14
N VAL B 8 -22.22 3.36 -13.57
CA VAL B 8 -21.84 3.21 -12.17
C VAL B 8 -23.08 3.31 -11.29
N GLY B 9 -24.01 4.16 -11.68
CA GLY B 9 -25.24 4.35 -10.94
C GLY B 9 -26.12 3.11 -10.95
N ARG B 10 -26.35 2.53 -12.12
CA ARG B 10 -27.16 1.33 -12.23
C ARG B 10 -26.50 0.18 -11.47
N GLN B 11 -25.17 0.16 -11.48
CA GLN B 11 -24.43 -0.90 -10.82
C GLN B 11 -24.58 -0.82 -9.30
N LEU B 12 -24.56 0.39 -8.77
CA LEU B 12 -24.77 0.60 -7.34
C LEU B 12 -26.15 0.13 -6.92
N ALA B 13 -27.15 0.43 -7.75
CA ALA B 13 -28.52 0.02 -7.49
C ALA B 13 -28.66 -1.49 -7.54
N ILE B 14 -27.94 -2.12 -8.47
CA ILE B 14 -27.98 -3.58 -8.61
C ILE B 14 -27.35 -4.23 -7.38
N ILE B 15 -26.20 -3.73 -6.95
CA ILE B 15 -25.58 -4.19 -5.72
C ILE B 15 -26.55 -3.98 -4.56
N GLY B 16 -27.12 -2.78 -4.51
CA GLY B 16 -28.04 -2.43 -3.44
C GLY B 16 -29.23 -3.37 -3.33
N ASP B 17 -29.81 -3.72 -4.48
CA ASP B 17 -30.96 -4.62 -4.50
C ASP B 17 -30.58 -6.01 -3.99
N ASP B 18 -29.37 -6.44 -4.30
CA ASP B 18 -28.90 -7.74 -3.84
C ASP B 18 -28.66 -7.72 -2.33
N ILE B 19 -28.15 -6.59 -1.85
CA ILE B 19 -27.94 -6.38 -0.41
C ILE B 19 -29.28 -6.46 0.34
N ASN B 20 -30.27 -5.71 -0.12
CA ASN B 20 -31.59 -5.71 0.51
C ASN B 20 -32.23 -7.08 0.50
N ARG B 21 -31.76 -7.94 -0.40
CA ARG B 21 -32.33 -9.27 -0.56
CA ARG B 21 -32.32 -9.27 -0.57
C ARG B 21 -31.65 -10.28 0.37
N ARG B 22 -30.35 -10.12 0.57
CA ARG B 22 -29.57 -11.06 1.36
C ARG B 22 -29.54 -10.71 2.86
N TYR B 23 -29.02 -9.53 3.19
CA TYR B 23 -28.87 -9.13 4.59
C TYR B 23 -30.23 -9.00 5.28
N ASP B 24 -31.08 -8.14 4.72
CA ASP B 24 -32.44 -7.93 5.26
C ASP B 24 -33.49 -8.16 4.17
N SER C 30 -15.88 28.10 17.92
CA SER C 30 -16.07 26.87 18.68
C SER C 30 -15.07 25.81 18.24
N THR C 31 -14.48 25.12 19.22
CA THR C 31 -13.41 24.16 18.97
C THR C 31 -13.73 22.76 19.50
N ASN C 32 -14.89 22.61 20.13
CA ASN C 32 -15.28 21.33 20.72
C ASN C 32 -16.10 20.49 19.73
N ILE C 33 -15.81 19.19 19.68
CA ILE C 33 -16.46 18.29 18.73
C ILE C 33 -17.94 18.08 19.08
N LEU C 34 -18.25 18.07 20.37
CA LEU C 34 -19.60 17.83 20.83
C LEU C 34 -20.57 18.93 20.42
N ASP C 35 -20.03 20.11 20.13
CA ASP C 35 -20.85 21.24 19.71
C ASP C 35 -21.41 21.03 18.30
N TYR C 36 -20.67 20.29 17.48
CA TYR C 36 -21.07 20.05 16.09
C TYR C 36 -21.95 18.82 15.96
N LEU C 37 -21.87 17.92 16.94
CA LEU C 37 -22.69 16.71 16.94
C LEU C 37 -24.02 16.97 17.64
N SER C 38 -24.92 17.66 16.94
CA SER C 38 -26.22 18.03 17.48
C SER C 38 -27.28 17.00 17.11
N THR C 39 -27.69 17.02 15.84
CA THR C 39 -28.76 16.17 15.36
C THR C 39 -28.29 14.74 15.13
N GLU C 40 -29.24 13.84 14.92
CA GLU C 40 -28.92 12.46 14.59
C GLU C 40 -28.12 12.39 13.29
N ARG C 41 -28.46 13.27 12.35
CA ARG C 41 -27.80 13.32 11.05
C ARG C 41 -26.32 13.60 11.19
N ASP C 42 -25.98 14.54 12.07
CA ASP C 42 -24.59 14.90 12.32
C ASP C 42 -23.81 13.70 12.86
N HIS C 43 -24.46 12.91 13.69
CA HIS C 43 -23.83 11.72 14.28
C HIS C 43 -23.54 10.67 13.21
N VAL C 44 -24.49 10.47 12.29
CA VAL C 44 -24.33 9.46 11.25
C VAL C 44 -23.33 9.94 10.21
N MET C 45 -23.39 11.22 9.87
CA MET C 45 -22.43 11.80 8.94
C MET C 45 -21.02 11.66 9.48
N MET C 46 -20.86 11.92 10.77
CA MET C 46 -19.55 11.81 11.42
C MET C 46 -19.07 10.37 11.31
N ALA C 47 -19.95 9.42 11.58
CA ALA C 47 -19.61 8.01 11.52
C ALA C 47 -19.18 7.60 10.11
N VAL C 48 -19.96 8.03 9.12
CA VAL C 48 -19.64 7.75 7.72
C VAL C 48 -18.31 8.37 7.33
N GLN C 49 -18.14 9.65 7.64
CA GLN C 49 -16.90 10.35 7.30
C GLN C 49 -15.69 9.68 7.95
N TYR C 50 -15.83 9.28 9.20
CA TYR C 50 -14.73 8.64 9.92
C TYR C 50 -14.40 7.29 9.30
N TYR C 51 -15.43 6.56 8.87
CA TYR C 51 -15.23 5.25 8.27
C TYR C 51 -14.37 5.38 7.03
N MET C 52 -14.79 6.25 6.12
CA MET C 52 -14.07 6.50 4.88
C MET C 52 -12.61 6.89 5.14
N SER C 53 -12.41 7.83 6.06
CA SER C 53 -11.08 8.35 6.35
C SER C 53 -10.23 7.32 7.08
N LYS C 54 -10.87 6.51 7.93
CA LYS C 54 -10.15 5.47 8.66
C LYS C 54 -9.74 4.36 7.71
N GLN C 55 -10.65 3.99 6.83
CA GLN C 55 -10.39 2.96 5.83
C GLN C 55 -9.22 3.35 4.93
N ARG C 56 -9.20 4.60 4.51
CA ARG C 56 -8.17 5.09 3.59
C ARG C 56 -6.80 5.14 4.25
N LEU C 57 -6.76 5.64 5.48
CA LEU C 57 -5.50 5.83 6.17
C LEU C 57 -4.87 4.50 6.52
N ASP C 58 -5.70 3.49 6.78
CA ASP C 58 -5.22 2.15 7.07
C ASP C 58 -4.67 1.52 5.80
N ASP C 59 -5.45 1.63 4.72
CA ASP C 59 -5.05 1.09 3.44
C ASP C 59 -3.77 1.75 2.96
N LEU C 60 -3.63 3.03 3.24
CA LEU C 60 -2.43 3.77 2.85
C LEU C 60 -1.22 3.19 3.58
N TYR C 61 -1.33 3.07 4.90
CA TYR C 61 -0.23 2.59 5.72
C TYR C 61 0.13 1.16 5.34
N ARG C 62 -0.89 0.40 4.94
CA ARG C 62 -0.71 -1.00 4.55
C ARG C 62 0.21 -1.12 3.34
N GLN C 63 0.17 -0.11 2.46
CA GLN C 63 0.94 -0.13 1.22
C GLN C 63 2.28 0.56 1.35
N LEU C 64 2.53 1.24 2.47
CA LEU C 64 3.77 1.99 2.60
C LEU C 64 4.98 1.06 2.73
N PRO C 65 6.03 1.30 1.94
CA PRO C 65 7.26 0.49 2.06
C PRO C 65 7.91 0.61 3.43
N THR C 66 8.79 -0.34 3.75
CA THR C 66 9.56 -0.34 4.99
C THR C 66 10.25 1.01 5.23
N LYS C 67 10.71 1.63 4.15
CA LYS C 67 11.44 2.89 4.23
C LYS C 67 10.55 3.98 4.82
N THR C 68 9.37 4.15 4.23
CA THR C 68 8.44 5.17 4.69
C THR C 68 8.04 4.93 6.14
N ARG C 69 7.77 3.67 6.47
CA ARG C 69 7.32 3.30 7.80
C ARG C 69 8.35 3.68 8.87
N SER C 70 9.62 3.53 8.55
CA SER C 70 10.68 3.86 9.49
C SER C 70 10.83 5.38 9.63
N TYR C 71 10.48 6.11 8.58
CA TYR C 71 10.49 7.56 8.64
C TYR C 71 9.32 8.06 9.48
N ILE C 72 8.23 7.32 9.47
CA ILE C 72 7.08 7.64 10.29
C ILE C 72 7.41 7.41 11.77
N ASP C 73 8.12 6.32 12.06
CA ASP C 73 8.58 6.05 13.42
C ASP C 73 9.51 7.16 13.92
N ILE C 74 10.36 7.65 13.04
CA ILE C 74 11.30 8.71 13.39
C ILE C 74 10.57 9.99 13.73
N ILE C 75 9.54 10.31 12.96
CA ILE C 75 8.78 11.53 13.20
C ILE C 75 7.88 11.35 14.42
N ASN C 76 7.36 10.13 14.63
CA ASN C 76 6.61 9.83 15.84
C ASN C 76 7.43 10.17 17.07
N MET C 77 8.62 9.58 17.16
CA MET C 77 9.47 9.75 18.33
C MET C 77 9.86 11.22 18.52
N TYR C 78 10.41 11.83 17.49
CA TYR C 78 10.95 13.18 17.59
C TYR C 78 9.89 14.22 17.93
N CYS C 79 8.75 14.16 17.24
CA CYS C 79 7.74 15.19 17.41
C CYS C 79 6.91 15.00 18.69
N ASP C 80 6.69 13.75 19.09
CA ASP C 80 5.98 13.49 20.34
C ASP C 80 6.82 13.98 21.52
N LYS C 81 8.14 13.84 21.41
CA LYS C 81 9.04 14.35 22.43
C LYS C 81 8.96 15.87 22.48
N VAL C 82 8.78 16.49 21.31
CA VAL C 82 8.67 17.94 21.22
C VAL C 82 7.34 18.39 21.81
N ASN C 83 6.28 17.64 21.53
CA ASN C 83 4.96 17.92 22.08
C ASN C 83 4.99 17.99 23.61
N ASN C 84 5.75 17.07 24.22
CA ASN C 84 5.85 17.01 25.67
C ASN C 84 6.81 18.05 26.22
N ASP C 85 8.02 18.10 25.67
CA ASP C 85 9.04 19.00 26.16
C ASP C 85 8.66 20.47 26.01
N TYR C 86 7.68 20.76 25.16
CA TYR C 86 7.25 22.14 24.93
C TYR C 86 5.74 22.27 24.87
N ASN C 87 5.03 21.52 25.70
CA ASN C 87 3.58 21.58 25.73
C ASN C 87 3.10 23.00 26.05
N ARG C 88 3.84 23.69 26.90
CA ARG C 88 3.52 25.06 27.28
C ARG C 88 3.62 25.99 26.09
N ASP C 89 4.76 25.97 25.42
CA ASP C 89 5.01 26.85 24.30
C ASP C 89 4.04 26.57 23.14
N MET C 90 3.64 25.32 23.00
CA MET C 90 2.70 24.93 21.96
C MET C 90 1.32 25.57 22.19
N ASN C 91 0.89 25.60 23.44
CA ASN C 91 -0.38 26.22 23.77
C ASN C 91 -0.30 27.74 23.71
N ILE C 92 0.89 28.27 24.00
CA ILE C 92 1.14 29.70 23.84
C ILE C 92 0.98 30.08 22.37
N MET C 93 1.66 29.34 21.50
CA MET C 93 1.61 29.62 20.08
C MET C 93 0.19 29.51 19.52
N TYR C 94 -0.59 28.58 20.06
CA TYR C 94 -1.97 28.43 19.63
C TYR C 94 -2.79 29.68 20.00
N ASP C 95 -2.69 30.09 21.27
CA ASP C 95 -3.41 31.27 21.74
C ASP C 95 -2.99 32.52 20.98
N MET C 96 -1.73 32.55 20.54
CA MET C 96 -1.25 33.63 19.68
C MET C 96 -2.03 33.64 18.37
N ALA C 97 -2.10 32.48 17.74
CA ALA C 97 -2.76 32.35 16.44
C ALA C 97 -4.26 32.48 16.56
N SER C 98 -4.82 32.01 17.68
CA SER C 98 -6.26 32.05 17.90
C SER C 98 -6.78 33.48 18.10
N THR C 99 -5.86 34.43 18.26
CA THR C 99 -6.21 35.84 18.40
C THR C 99 -7.18 36.28 17.31
N GLU C 100 -6.71 36.21 16.06
CA GLU C 100 -7.52 36.55 14.90
C GLU C 100 -7.61 35.36 13.96
N SER C 101 -8.60 35.39 13.07
CA SER C 101 -8.77 34.32 12.09
C SER C 101 -7.69 34.40 11.02
N PHE C 102 -7.19 33.24 10.62
CA PHE C 102 -6.17 33.16 9.58
C PHE C 102 -6.46 31.99 8.63
N THR C 103 -6.00 32.12 7.40
CA THR C 103 -6.22 31.10 6.39
C THR C 103 -5.06 30.10 6.38
N VAL C 104 -5.22 29.05 5.58
CA VAL C 104 -4.18 28.05 5.43
C VAL C 104 -2.92 28.66 4.79
N TYR C 105 -3.11 29.70 3.98
CA TYR C 105 -2.01 30.35 3.29
C TYR C 105 -1.25 31.32 4.20
N ASP C 106 -1.97 31.93 5.13
CA ASP C 106 -1.34 32.81 6.11
C ASP C 106 -0.28 32.03 6.89
N ILE C 107 -0.66 30.84 7.37
CA ILE C 107 0.23 30.03 8.18
C ILE C 107 1.33 29.41 7.32
N ASN C 108 0.98 28.87 6.17
CA ASN C 108 1.96 28.26 5.29
C ASN C 108 3.04 29.26 4.87
N ASN C 109 2.62 30.49 4.59
CA ASN C 109 3.56 31.53 4.15
C ASN C 109 4.51 31.95 5.26
N GLU C 110 4.00 32.05 6.47
CA GLU C 110 4.84 32.40 7.62
C GLU C 110 5.92 31.34 7.80
N VAL C 111 5.49 30.08 7.91
CA VAL C 111 6.42 28.98 8.06
C VAL C 111 7.44 29.01 6.94
N ASN C 112 6.98 29.27 5.72
CA ASN C 112 7.85 29.32 4.55
C ASN C 112 8.93 30.38 4.75
N THR C 113 8.53 31.55 5.24
CA THR C 113 9.45 32.66 5.47
C THR C 113 10.51 32.31 6.52
N ILE C 114 10.07 31.68 7.61
CA ILE C 114 10.97 31.37 8.72
C ILE C 114 11.93 30.23 8.38
N LEU C 115 11.47 29.27 7.59
CA LEU C 115 12.33 28.14 7.22
C LEU C 115 13.34 28.54 6.14
N MET C 116 13.06 29.63 5.44
CA MET C 116 13.97 30.10 4.39
C MET C 116 15.29 30.60 4.97
N ASP C 117 15.19 31.26 6.12
CA ASP C 117 16.35 31.85 6.78
C ASP C 117 16.91 30.90 7.83
N ASN C 118 16.02 30.16 8.49
CA ASN C 118 16.40 29.21 9.54
C ASN C 118 16.55 27.80 8.97
N LYS C 119 17.71 27.20 9.15
CA LYS C 119 18.03 25.91 8.53
C LYS C 119 18.28 24.78 9.54
N GLY C 120 17.93 25.00 10.79
CA GLY C 120 18.10 23.99 11.82
C GLY C 120 17.01 22.93 11.79
N LEU C 121 17.28 21.78 12.39
CA LEU C 121 16.28 20.72 12.45
C LEU C 121 15.16 21.07 13.42
N GLY C 122 15.51 21.78 14.49
CA GLY C 122 14.57 22.08 15.55
C GLY C 122 13.30 22.74 15.08
N VAL C 123 13.44 23.87 14.37
CA VAL C 123 12.29 24.65 13.93
C VAL C 123 11.35 23.82 13.05
N ARG C 124 11.92 22.86 12.34
CA ARG C 124 11.11 21.99 11.49
C ARG C 124 10.32 20.98 12.31
N LEU C 125 10.97 20.37 13.32
CA LEU C 125 10.27 19.45 14.21
C LEU C 125 9.18 20.20 14.98
N ALA C 126 9.51 21.41 15.41
CA ALA C 126 8.58 22.23 16.19
C ALA C 126 7.35 22.60 15.35
N THR C 127 7.56 22.87 14.07
CA THR C 127 6.46 23.24 13.18
C THR C 127 5.51 22.05 12.97
N ILE C 128 6.08 20.88 12.73
CA ILE C 128 5.26 19.67 12.53
C ILE C 128 4.36 19.46 13.74
N SER C 129 4.93 19.61 14.93
CA SER C 129 4.17 19.48 16.16
C SER C 129 3.07 20.54 16.25
N PHE C 130 3.42 21.79 16.01
CA PHE C 130 2.45 22.88 16.09
C PHE C 130 1.31 22.73 15.09
N ILE C 131 1.67 22.49 13.82
CA ILE C 131 0.66 22.30 12.78
C ILE C 131 -0.23 21.10 13.10
N THR C 132 0.38 20.04 13.62
CA THR C 132 -0.36 18.87 14.04
C THR C 132 -1.38 19.25 15.12
N GLU C 133 -0.99 20.16 16.01
CA GLU C 133 -1.89 20.60 17.06
C GLU C 133 -3.02 21.45 16.50
N LEU C 134 -2.70 22.39 15.60
CA LEU C 134 -3.73 23.18 14.94
C LEU C 134 -4.76 22.27 14.28
N GLY C 135 -4.29 21.21 13.65
CA GLY C 135 -5.16 20.27 12.97
C GLY C 135 -6.17 19.61 13.89
N LYS C 136 -5.75 19.39 15.14
CA LYS C 136 -6.63 18.80 16.14
C LYS C 136 -7.70 19.78 16.62
N ARG C 137 -7.39 21.08 16.61
CA ARG C 137 -8.34 22.10 17.07
C ARG C 137 -9.32 22.45 15.94
N CYS C 138 -8.85 22.38 14.70
CA CYS C 138 -9.68 22.74 13.56
C CYS C 138 -10.81 21.72 13.36
N MET C 139 -12.01 22.22 13.10
CA MET C 139 -13.19 21.38 12.99
C MET C 139 -13.65 21.25 11.54
N ASN C 140 -12.83 21.73 10.61
CA ASN C 140 -13.11 21.61 9.18
C ASN C 140 -12.16 20.59 8.53
N PRO C 141 -12.69 19.42 8.14
CA PRO C 141 -11.83 18.38 7.56
C PRO C 141 -11.07 18.85 6.32
N VAL C 142 -11.77 19.45 5.37
CA VAL C 142 -11.15 19.90 4.13
C VAL C 142 -10.02 20.90 4.39
N GLU C 143 -10.31 21.95 5.13
CA GLU C 143 -9.32 22.99 5.42
C GLU C 143 -8.13 22.42 6.19
N THR C 144 -8.40 21.43 7.04
CA THR C 144 -7.34 20.79 7.80
C THR C 144 -6.36 20.05 6.89
N ILE C 145 -6.90 19.23 5.99
CA ILE C 145 -6.05 18.44 5.10
C ILE C 145 -5.31 19.37 4.14
N LYS C 146 -5.95 20.46 3.73
CA LYS C 146 -5.27 21.48 2.94
C LYS C 146 -4.03 21.96 3.68
N MET C 147 -4.18 22.27 4.96
CA MET C 147 -3.06 22.74 5.77
C MET C 147 -1.96 21.67 5.83
N PHE C 148 -2.32 20.45 6.20
CA PHE C 148 -1.36 19.35 6.26
C PHE C 148 -0.64 19.17 4.94
N THR C 149 -1.39 19.15 3.85
CA THR C 149 -0.80 18.99 2.52
C THR C 149 0.17 20.13 2.22
N LEU C 150 -0.33 21.34 2.35
CA LEU C 150 0.45 22.53 2.04
C LEU C 150 1.69 22.64 2.93
N LEU C 151 1.50 22.53 4.24
CA LEU C 151 2.60 22.69 5.20
C LEU C 151 3.64 21.58 5.09
N SER C 152 3.20 20.35 4.86
CA SER C 152 4.14 19.23 4.76
C SER C 152 5.13 19.46 3.62
N HIS C 153 4.68 20.13 2.56
CA HIS C 153 5.57 20.49 1.47
C HIS C 153 6.59 21.52 1.91
N THR C 154 6.12 22.58 2.57
CA THR C 154 6.98 23.65 3.04
C THR C 154 8.05 23.12 4.00
N ILE C 155 7.64 22.27 4.94
CA ILE C 155 8.55 21.76 5.95
C ILE C 155 9.60 20.83 5.33
N CYS C 156 9.16 19.94 4.45
CA CYS C 156 10.05 18.95 3.87
C CYS C 156 10.91 19.56 2.77
N ASP C 157 11.70 20.56 3.14
CA ASP C 157 12.68 21.14 2.23
C ASP C 157 13.93 20.28 2.22
N ASP C 158 14.95 20.71 1.48
CA ASP C 158 16.15 19.89 1.28
C ASP C 158 16.89 19.57 2.58
N CYS C 159 17.06 20.58 3.44
CA CYS C 159 17.84 20.39 4.66
C CYS C 159 17.14 19.44 5.63
N PHE C 160 15.80 19.47 5.64
CA PHE C 160 15.04 18.58 6.52
C PHE C 160 15.23 17.12 6.12
N ILE C 161 15.05 16.85 4.84
CA ILE C 161 15.25 15.52 4.29
C ILE C 161 16.66 15.02 4.59
N ASP C 162 17.63 15.91 4.49
CA ASP C 162 19.01 15.60 4.83
C ASP C 162 19.11 15.11 6.28
N TYR C 163 18.44 15.80 7.21
CA TYR C 163 18.47 15.38 8.61
C TYR C 163 17.86 13.99 8.80
N ILE C 164 16.66 13.79 8.25
CA ILE C 164 15.93 12.55 8.47
C ILE C 164 16.62 11.34 7.85
N THR C 165 17.19 11.51 6.66
CA THR C 165 17.87 10.40 5.99
C THR C 165 19.21 10.08 6.63
N ASP C 166 19.76 11.02 7.39
CA ASP C 166 21.07 10.85 8.02
C ASP C 166 20.94 10.17 9.39
N ILE C 167 19.79 10.36 10.04
CA ILE C 167 19.54 9.76 11.35
C ILE C 167 18.95 8.36 11.20
N SER C 168 19.28 7.70 10.09
CA SER C 168 18.81 6.35 9.79
C SER C 168 19.94 5.33 9.94
N SER D 2 -1.69 39.37 10.78
CA SER D 2 -0.36 38.98 10.31
C SER D 2 0.70 39.26 11.38
N SER D 3 0.42 40.22 12.25
CA SER D 3 1.32 40.53 13.36
C SER D 3 1.41 39.33 14.29
N THR D 4 0.27 38.70 14.54
CA THR D 4 0.21 37.51 15.39
C THR D 4 0.87 36.33 14.69
N MET D 5 0.73 36.27 13.37
CA MET D 5 1.40 35.24 12.58
C MET D 5 2.93 35.42 12.68
N GLY D 6 3.37 36.67 12.75
CA GLY D 6 4.77 36.96 12.95
C GLY D 6 5.27 36.48 14.30
N GLN D 7 4.44 36.63 15.32
CA GLN D 7 4.80 36.20 16.67
C GLN D 7 4.93 34.67 16.73
N VAL D 8 3.96 33.98 16.13
CA VAL D 8 3.99 32.52 16.08
C VAL D 8 5.26 32.03 15.40
N GLY D 9 5.67 32.73 14.34
CA GLY D 9 6.86 32.39 13.61
C GLY D 9 8.11 32.43 14.46
N ARG D 10 8.29 33.53 15.17
CA ARG D 10 9.46 33.71 16.02
C ARG D 10 9.53 32.63 17.10
N GLN D 11 8.38 32.25 17.64
CA GLN D 11 8.34 31.22 18.69
C GLN D 11 8.87 29.89 18.17
N LEU D 12 8.39 29.49 16.99
CA LEU D 12 8.86 28.25 16.36
C LEU D 12 10.38 28.26 16.23
N ALA D 13 10.93 29.38 15.81
CA ALA D 13 12.37 29.53 15.65
C ALA D 13 13.06 29.45 17.01
N ILE D 14 12.49 30.14 18.00
CA ILE D 14 13.02 30.12 19.36
C ILE D 14 13.00 28.70 19.92
N ILE D 15 11.85 28.04 19.84
CA ILE D 15 11.74 26.65 20.26
C ILE D 15 12.73 25.80 19.48
N GLY D 16 12.78 26.01 18.17
CA GLY D 16 13.67 25.26 17.30
C GLY D 16 15.13 25.41 17.69
N ASP D 17 15.54 26.65 17.95
CA ASP D 17 16.92 26.92 18.36
C ASP D 17 17.24 26.22 19.68
N ASP D 18 16.24 26.03 20.52
CA ASP D 18 16.42 25.35 21.80
C ASP D 18 16.56 23.84 21.61
N ILE D 19 15.77 23.30 20.69
CA ILE D 19 15.85 21.88 20.34
C ILE D 19 17.24 21.55 19.83
N ASN D 20 17.75 22.39 18.93
CA ASN D 20 19.08 22.18 18.37
C ASN D 20 20.14 22.15 19.46
N ARG D 21 20.03 23.08 20.40
CA ARG D 21 21.00 23.22 21.47
C ARG D 21 21.00 22.01 22.41
N ARG D 22 19.81 21.58 22.81
CA ARG D 22 19.69 20.46 23.74
C ARG D 22 20.17 19.17 23.08
N TYR D 23 19.81 18.98 21.82
CA TYR D 23 20.34 17.86 21.04
C TYR D 23 21.79 18.16 20.67
N ASP D 24 22.43 17.23 19.98
CA ASP D 24 23.82 17.39 19.54
C ASP D 24 24.76 17.52 20.73
N ASN E 14 1.15 -22.89 -17.89
CA ASN E 14 0.88 -23.97 -18.83
C ASN E 14 -0.11 -23.52 -19.90
N TYR E 15 -1.33 -23.20 -19.47
CA TYR E 15 -2.32 -22.61 -20.35
C TYR E 15 -2.13 -21.09 -20.34
N VAL E 16 -2.30 -20.47 -21.51
CA VAL E 16 -2.04 -19.03 -21.67
C VAL E 16 -3.26 -18.32 -22.23
N TYR E 17 -3.61 -17.19 -21.61
CA TYR E 17 -4.74 -16.38 -22.03
C TYR E 17 -4.35 -15.56 -23.26
N PRO E 18 -5.15 -15.65 -24.35
CA PRO E 18 -4.78 -14.90 -25.56
C PRO E 18 -4.84 -13.38 -25.37
N ILE E 33 8.76 1.81 -15.63
CA ILE E 33 9.89 2.09 -14.75
C ILE E 33 9.86 1.11 -13.57
N LEU E 34 10.19 1.58 -12.37
CA LEU E 34 10.20 0.71 -11.19
C LEU E 34 8.78 0.30 -10.77
N ASP E 35 7.78 0.88 -11.42
CA ASP E 35 6.39 0.54 -11.15
C ASP E 35 6.06 -0.83 -11.73
N TYR E 36 7.02 -1.40 -12.47
CA TYR E 36 6.85 -2.69 -13.13
C TYR E 36 8.05 -3.60 -12.88
N LEU E 37 8.92 -3.17 -11.96
CA LEU E 37 10.12 -3.92 -11.61
C LEU E 37 10.21 -4.14 -10.11
N SER E 38 9.19 -4.78 -9.53
CA SER E 38 9.19 -5.10 -8.11
C SER E 38 9.89 -6.42 -7.87
N THR E 39 9.31 -7.49 -8.40
CA THR E 39 9.84 -8.84 -8.21
C THR E 39 11.12 -9.07 -9.02
N GLU E 40 11.79 -10.18 -8.74
CA GLU E 40 12.98 -10.55 -9.49
C GLU E 40 12.60 -10.98 -10.91
N ARG E 41 11.50 -11.71 -11.01
CA ARG E 41 10.97 -12.17 -12.29
C ARG E 41 10.70 -11.00 -13.23
N ASP E 42 10.29 -9.86 -12.65
CA ASP E 42 10.03 -8.66 -13.42
C ASP E 42 11.32 -8.09 -14.03
N HIS E 43 12.39 -8.09 -13.23
CA HIS E 43 13.67 -7.56 -13.67
C HIS E 43 14.26 -8.37 -14.82
N VAL E 44 14.30 -9.69 -14.67
CA VAL E 44 14.91 -10.56 -15.66
C VAL E 44 14.09 -10.54 -16.95
N MET E 45 12.77 -10.53 -16.81
CA MET E 45 11.87 -10.44 -17.96
C MET E 45 12.22 -9.22 -18.80
N MET E 46 12.57 -8.14 -18.12
CA MET E 46 12.87 -6.88 -18.79
C MET E 46 14.21 -6.98 -19.52
N ALA E 47 15.16 -7.69 -18.92
CA ALA E 47 16.46 -7.89 -19.55
C ALA E 47 16.33 -8.80 -20.77
N VAL E 48 15.46 -9.81 -20.66
CA VAL E 48 15.23 -10.75 -21.75
C VAL E 48 14.51 -10.07 -22.92
N GLN E 49 13.42 -9.37 -22.61
CA GLN E 49 12.64 -8.66 -23.62
C GLN E 49 13.47 -7.61 -24.32
N TYR E 50 14.34 -6.95 -23.57
CA TYR E 50 15.21 -5.92 -24.14
C TYR E 50 16.21 -6.56 -25.10
N TYR E 51 16.76 -7.69 -24.70
CA TYR E 51 17.76 -8.38 -25.51
C TYR E 51 17.19 -8.72 -26.90
N MET E 52 16.03 -9.36 -26.90
CA MET E 52 15.39 -9.76 -28.15
C MET E 52 15.10 -8.55 -29.04
N SER E 53 14.43 -7.56 -28.47
CA SER E 53 14.05 -6.36 -29.22
C SER E 53 15.28 -5.59 -29.71
N LYS E 54 16.33 -5.59 -28.90
CA LYS E 54 17.57 -4.90 -29.23
C LYS E 54 18.29 -5.62 -30.37
N GLN E 55 18.39 -6.94 -30.27
CA GLN E 55 19.05 -7.74 -31.29
C GLN E 55 18.34 -7.62 -32.64
N ARG E 56 17.02 -7.67 -32.61
CA ARG E 56 16.23 -7.58 -33.83
C ARG E 56 16.40 -6.22 -34.51
N LEU E 57 16.42 -5.17 -33.71
CA LEU E 57 16.46 -3.82 -34.26
C LEU E 57 17.84 -3.53 -34.84
N ASP E 58 18.89 -4.05 -34.20
CA ASP E 58 20.24 -3.90 -34.72
C ASP E 58 20.41 -4.71 -36.01
N ASP E 59 19.85 -5.92 -36.01
CA ASP E 59 19.96 -6.80 -37.15
C ASP E 59 19.14 -6.27 -38.33
N LEU E 60 18.06 -5.57 -38.00
CA LEU E 60 17.24 -4.95 -39.04
C LEU E 60 18.01 -3.82 -39.71
N TYR E 61 18.63 -2.97 -38.90
CA TYR E 61 19.37 -1.83 -39.41
C TYR E 61 20.57 -2.28 -40.24
N ARG E 62 21.17 -3.40 -39.83
CA ARG E 62 22.33 -3.95 -40.54
C ARG E 62 21.98 -4.29 -41.98
N GLN E 63 20.71 -4.64 -42.22
CA GLN E 63 20.24 -5.06 -43.53
C GLN E 63 19.54 -3.95 -44.30
N LEU E 64 19.58 -2.73 -43.79
CA LEU E 64 18.90 -1.63 -44.46
C LEU E 64 19.79 -1.04 -45.55
N PRO E 65 19.24 -0.84 -46.76
CA PRO E 65 20.00 -0.21 -47.84
C PRO E 65 20.46 1.20 -47.49
N THR E 66 21.48 1.69 -48.19
CA THR E 66 21.98 3.05 -48.03
C THR E 66 20.85 4.07 -48.08
N LYS E 67 19.87 3.81 -48.94
CA LYS E 67 18.78 4.74 -49.17
C LYS E 67 17.88 4.86 -47.95
N THR E 68 17.50 3.72 -47.38
CA THR E 68 16.65 3.70 -46.20
C THR E 68 17.37 4.36 -45.03
N ARG E 69 18.68 4.13 -44.94
CA ARG E 69 19.47 4.70 -43.86
C ARG E 69 19.52 6.22 -43.96
N SER E 70 19.55 6.74 -45.17
CA SER E 70 19.59 8.19 -45.37
C SER E 70 18.24 8.80 -44.99
N TYR E 71 17.17 8.06 -45.24
CA TYR E 71 15.83 8.50 -44.84
C TYR E 71 15.70 8.54 -43.32
N ILE E 72 16.41 7.64 -42.65
CA ILE E 72 16.41 7.60 -41.19
C ILE E 72 17.20 8.78 -40.63
N ASP E 73 18.31 9.10 -41.28
CA ASP E 73 19.13 10.24 -40.88
C ASP E 73 18.35 11.55 -40.99
N ILE E 74 17.56 11.66 -42.06
CA ILE E 74 16.73 12.84 -42.28
C ILE E 74 15.67 12.97 -41.18
N ILE E 75 14.95 11.89 -40.93
CA ILE E 75 13.91 11.88 -39.91
C ILE E 75 14.51 12.09 -38.53
N ASN E 76 15.67 11.48 -38.29
CA ASN E 76 16.36 11.67 -37.02
C ASN E 76 16.71 13.12 -36.78
N MET E 77 17.30 13.77 -37.78
CA MET E 77 17.79 15.12 -37.65
C MET E 77 16.68 16.11 -37.34
N TYR E 78 15.54 15.98 -38.02
CA TYR E 78 14.45 16.94 -37.89
C TYR E 78 13.59 16.67 -36.66
N CYS E 79 13.19 15.41 -36.47
CA CYS E 79 12.29 15.07 -35.36
C CYS E 79 12.98 15.25 -34.02
N ASP E 80 14.27 14.97 -33.94
CA ASP E 80 15.01 15.19 -32.70
C ASP E 80 15.03 16.67 -32.36
N LYS E 81 14.98 17.51 -33.38
CA LYS E 81 14.95 18.95 -33.19
C LYS E 81 13.56 19.40 -32.74
N VAL E 82 12.54 18.75 -33.27
CA VAL E 82 11.16 19.03 -32.90
C VAL E 82 10.92 18.62 -31.44
N ASN E 83 11.54 17.52 -31.04
CA ASN E 83 11.41 17.01 -29.68
C ASN E 83 11.94 18.01 -28.64
N ASN E 84 13.08 18.62 -28.95
CA ASN E 84 13.68 19.59 -28.05
C ASN E 84 13.00 20.95 -28.12
N ASP E 85 12.75 21.41 -29.34
CA ASP E 85 12.12 22.72 -29.54
C ASP E 85 10.72 22.79 -28.96
N TYR E 86 9.96 21.71 -29.12
CA TYR E 86 8.55 21.69 -28.71
C TYR E 86 8.29 20.65 -27.64
N ASN E 87 9.23 20.49 -26.73
CA ASN E 87 9.09 19.53 -25.64
C ASN E 87 7.85 19.83 -24.79
N ARG E 88 7.64 21.11 -24.47
CA ARG E 88 6.45 21.53 -23.74
C ARG E 88 5.19 21.06 -24.42
N ASP E 89 5.10 21.34 -25.71
CA ASP E 89 3.90 21.04 -26.49
C ASP E 89 3.64 19.54 -26.58
N MET E 90 4.71 18.74 -26.61
CA MET E 90 4.58 17.29 -26.64
C MET E 90 4.00 16.81 -25.31
N ASN E 91 4.51 17.37 -24.22
CA ASN E 91 4.00 17.05 -22.88
C ASN E 91 2.55 17.50 -22.73
N ILE E 92 2.20 18.61 -23.36
CA ILE E 92 0.84 19.13 -23.29
C ILE E 92 -0.12 18.20 -24.03
N MET E 93 0.18 17.89 -25.28
CA MET E 93 -0.69 17.03 -26.09
C MET E 93 -0.93 15.68 -25.42
N TYR E 94 0.10 15.15 -24.77
CA TYR E 94 -0.03 13.88 -24.07
C TYR E 94 -1.06 13.97 -22.96
N ASP E 95 -1.05 15.08 -22.22
CA ASP E 95 -2.00 15.29 -21.14
C ASP E 95 -3.41 15.42 -21.70
N MET E 96 -3.54 16.07 -22.84
CA MET E 96 -4.83 16.23 -23.50
C MET E 96 -5.39 14.87 -23.90
N ALA E 97 -4.49 13.97 -24.29
CA ALA E 97 -4.89 12.62 -24.69
C ALA E 97 -5.17 11.74 -23.46
N SER E 98 -4.72 12.18 -22.29
CA SER E 98 -4.88 11.41 -21.06
C SER E 98 -6.21 11.69 -20.38
N THR E 99 -6.83 12.82 -20.73
CA THR E 99 -8.14 13.19 -20.20
C THR E 99 -9.16 12.05 -20.35
N GLU E 100 -9.27 11.54 -21.57
CA GLU E 100 -10.20 10.48 -21.89
C GLU E 100 -9.47 9.30 -22.54
N SER E 101 -9.95 8.10 -22.29
CA SER E 101 -9.36 6.89 -22.86
C SER E 101 -9.54 6.89 -24.37
N PHE E 102 -8.53 6.40 -25.08
CA PHE E 102 -8.56 6.33 -26.54
C PHE E 102 -7.90 5.05 -27.03
N THR E 103 -8.38 4.55 -28.17
CA THR E 103 -7.80 3.38 -28.79
C THR E 103 -6.73 3.80 -29.80
N VAL E 104 -6.00 2.82 -30.33
CA VAL E 104 -4.97 3.11 -31.31
C VAL E 104 -5.63 3.45 -32.65
N TYR E 105 -6.90 3.11 -32.78
CA TYR E 105 -7.67 3.45 -33.98
C TYR E 105 -8.12 4.91 -33.96
N ASP E 106 -8.42 5.42 -32.78
CA ASP E 106 -8.88 6.79 -32.63
C ASP E 106 -7.77 7.78 -32.99
N ILE E 107 -6.55 7.45 -32.60
CA ILE E 107 -5.41 8.34 -32.84
C ILE E 107 -5.02 8.29 -34.31
N ASN E 108 -5.06 7.10 -34.90
CA ASN E 108 -4.73 6.94 -36.30
C ASN E 108 -5.75 7.65 -37.19
N ASN E 109 -7.01 7.63 -36.74
CA ASN E 109 -8.07 8.30 -37.47
C ASN E 109 -7.90 9.80 -37.43
N GLU E 110 -7.49 10.31 -36.26
CA GLU E 110 -7.32 11.74 -36.10
C GLU E 110 -6.17 12.25 -36.95
N VAL E 111 -5.04 11.57 -36.89
CA VAL E 111 -3.89 11.94 -37.69
C VAL E 111 -4.24 11.90 -39.17
N ASN E 112 -4.96 10.85 -39.58
CA ASN E 112 -5.35 10.71 -40.98
C ASN E 112 -6.18 11.90 -41.46
N THR E 113 -7.03 12.41 -40.57
CA THR E 113 -7.90 13.54 -40.91
C THR E 113 -7.10 14.83 -41.00
N ILE E 114 -6.11 14.98 -40.14
CA ILE E 114 -5.25 16.16 -40.13
C ILE E 114 -4.43 16.27 -41.42
N LEU E 115 -3.94 15.14 -41.89
CA LEU E 115 -3.08 15.11 -43.08
C LEU E 115 -3.88 15.15 -44.38
N MET E 116 -5.17 14.83 -44.30
CA MET E 116 -6.07 14.99 -45.44
C MET E 116 -6.19 16.47 -45.82
N ASP E 117 -6.12 17.32 -44.81
CA ASP E 117 -6.39 18.75 -44.98
C ASP E 117 -5.13 19.61 -44.90
N ASN E 118 -4.10 19.11 -44.21
CA ASN E 118 -2.84 19.82 -44.05
C ASN E 118 -1.72 19.08 -44.77
N LYS E 119 -1.15 19.73 -45.79
CA LYS E 119 -0.13 19.10 -46.64
C LYS E 119 1.26 19.71 -46.43
N GLY E 120 1.48 20.27 -45.24
CA GLY E 120 2.79 20.80 -44.89
C GLY E 120 3.67 19.70 -44.35
N LEU E 121 4.98 19.93 -44.36
CA LEU E 121 5.93 18.96 -43.85
C LEU E 121 5.99 19.01 -42.32
N GLY E 122 5.72 20.18 -41.77
CA GLY E 122 5.81 20.40 -40.34
C GLY E 122 4.91 19.48 -39.53
N VAL E 123 3.62 19.47 -39.85
CA VAL E 123 2.65 18.69 -39.10
C VAL E 123 2.99 17.20 -39.14
N ARG E 124 3.67 16.78 -40.19
CA ARG E 124 4.07 15.39 -40.31
C ARG E 124 5.26 15.06 -39.41
N LEU E 125 6.26 15.94 -39.39
CA LEU E 125 7.38 15.79 -38.46
C LEU E 125 6.86 15.86 -37.02
N ALA E 126 5.90 16.74 -36.78
CA ALA E 126 5.32 16.91 -35.46
C ALA E 126 4.60 15.64 -35.02
N THR E 127 3.87 15.03 -35.95
CA THR E 127 3.14 13.80 -35.66
C THR E 127 4.09 12.66 -35.30
N ILE E 128 5.14 12.49 -36.08
CA ILE E 128 6.12 11.44 -35.82
C ILE E 128 6.72 11.62 -34.42
N SER E 129 6.99 12.87 -34.05
CA SER E 129 7.53 13.17 -32.74
C SER E 129 6.54 12.83 -31.62
N PHE E 130 5.27 13.17 -31.84
CA PHE E 130 4.25 12.97 -30.81
C PHE E 130 3.93 11.48 -30.61
N ILE E 131 3.78 10.76 -31.71
CA ILE E 131 3.49 9.33 -31.63
C ILE E 131 4.65 8.61 -30.95
N THR E 132 5.86 9.04 -31.28
CA THR E 132 7.06 8.51 -30.64
C THR E 132 6.97 8.72 -29.13
N GLU E 133 6.50 9.89 -28.73
CA GLU E 133 6.36 10.22 -27.31
C GLU E 133 5.32 9.32 -26.65
N LEU E 134 4.19 9.12 -27.33
CA LEU E 134 3.16 8.22 -26.81
C LEU E 134 3.72 6.83 -26.60
N GLY E 135 4.62 6.42 -27.51
CA GLY E 135 5.24 5.11 -27.42
C GLY E 135 6.17 4.98 -26.23
N LYS E 136 6.93 6.04 -25.96
CA LYS E 136 7.85 6.05 -24.82
C LYS E 136 7.09 5.93 -23.51
N ARG E 137 5.87 6.47 -23.48
CA ARG E 137 5.06 6.51 -22.26
C ARG E 137 4.12 5.32 -22.17
N CYS E 138 3.91 4.63 -23.28
CA CYS E 138 3.14 3.39 -23.26
C CYS E 138 4.01 2.26 -22.72
N MET E 139 3.41 1.39 -21.91
CA MET E 139 4.14 0.33 -21.23
C MET E 139 3.78 -1.06 -21.77
N ASN E 140 2.80 -1.11 -22.68
CA ASN E 140 2.46 -2.35 -23.37
C ASN E 140 3.22 -2.42 -24.69
N PRO E 141 4.24 -3.31 -24.78
CA PRO E 141 5.05 -3.36 -26.01
C PRO E 141 4.22 -3.68 -27.26
N VAL E 142 3.29 -4.61 -27.14
CA VAL E 142 2.45 -5.02 -28.27
C VAL E 142 1.63 -3.85 -28.82
N GLU E 143 0.93 -3.13 -27.93
CA GLU E 143 0.12 -2.00 -28.36
C GLU E 143 0.98 -0.89 -28.94
N THR E 144 2.19 -0.74 -28.40
CA THR E 144 3.09 0.31 -28.85
C THR E 144 3.51 0.07 -30.29
N ILE E 145 3.98 -1.13 -30.59
CA ILE E 145 4.43 -1.44 -31.94
C ILE E 145 3.24 -1.43 -32.89
N LYS E 146 2.08 -1.88 -32.41
CA LYS E 146 0.85 -1.81 -33.17
C LYS E 146 0.59 -0.38 -33.62
N MET E 147 0.75 0.56 -32.69
CA MET E 147 0.57 1.97 -32.98
C MET E 147 1.62 2.49 -33.96
N PHE E 148 2.88 2.21 -33.67
CA PHE E 148 3.98 2.62 -34.54
C PHE E 148 3.74 2.14 -35.97
N THR E 149 3.39 0.87 -36.11
CA THR E 149 3.15 0.29 -37.42
C THR E 149 2.02 1.01 -38.13
N LEU E 150 0.89 1.14 -37.46
CA LEU E 150 -0.32 1.69 -38.07
C LEU E 150 -0.17 3.17 -38.41
N LEU E 151 0.43 3.94 -37.50
CA LEU E 151 0.58 5.38 -37.71
C LEU E 151 1.64 5.70 -38.75
N SER E 152 2.70 4.88 -38.80
CA SER E 152 3.75 5.07 -39.79
C SER E 152 3.17 4.96 -41.20
N HIS E 153 2.17 4.10 -41.36
CA HIS E 153 1.46 3.98 -42.63
C HIS E 153 0.71 5.27 -42.95
N THR E 154 -0.07 5.75 -41.99
CA THR E 154 -0.87 6.96 -42.15
C THR E 154 -0.01 8.19 -42.38
N ILE E 155 1.11 8.28 -41.68
CA ILE E 155 2.00 9.43 -41.78
C ILE E 155 2.66 9.51 -43.17
N CYS E 156 3.04 8.35 -43.70
CA CYS E 156 3.76 8.29 -44.97
C CYS E 156 2.81 8.31 -46.17
N ASP E 157 2.17 9.45 -46.39
CA ASP E 157 1.30 9.63 -47.54
C ASP E 157 2.08 10.26 -48.69
N ASP E 158 1.44 10.42 -49.84
CA ASP E 158 2.10 10.95 -51.03
C ASP E 158 2.77 12.30 -50.74
N CYS E 159 2.13 13.08 -49.88
CA CYS E 159 2.65 14.38 -49.50
C CYS E 159 4.02 14.24 -48.81
N PHE E 160 4.07 13.38 -47.80
CA PHE E 160 5.29 13.21 -47.01
C PHE E 160 6.44 12.66 -47.85
N ILE E 161 6.16 11.64 -48.63
CA ILE E 161 7.17 10.97 -49.44
C ILE E 161 7.82 11.94 -50.44
N ASP E 162 7.02 12.85 -50.98
CA ASP E 162 7.55 13.84 -51.92
C ASP E 162 8.50 14.80 -51.21
N TYR E 163 8.20 15.14 -49.96
CA TYR E 163 9.04 16.04 -49.18
C TYR E 163 10.39 15.40 -48.85
N ILE E 164 10.36 14.13 -48.46
CA ILE E 164 11.59 13.42 -48.11
C ILE E 164 12.52 13.25 -49.32
N THR E 165 11.95 12.91 -50.47
CA THR E 165 12.74 12.74 -51.68
C THR E 165 13.29 14.08 -52.18
N ASP E 166 12.74 15.18 -51.68
CA ASP E 166 13.24 16.52 -52.00
C ASP E 166 14.39 16.91 -51.08
N ILE E 167 14.49 16.23 -49.94
CA ILE E 167 15.55 16.49 -48.98
C ILE E 167 16.74 15.59 -49.28
N SER E 168 16.45 14.33 -49.60
CA SER E 168 17.50 13.38 -49.94
C SER E 168 18.01 13.61 -51.34
N SER F 2 -14.37 11.86 -29.31
CA SER F 2 -13.35 12.45 -30.16
C SER F 2 -13.18 13.94 -29.86
N SER F 3 -13.58 14.35 -28.66
CA SER F 3 -13.46 15.75 -28.26
C SER F 3 -12.00 16.10 -27.98
N THR F 4 -11.37 15.31 -27.12
CA THR F 4 -9.98 15.53 -26.76
C THR F 4 -9.04 15.10 -27.89
N MET F 5 -9.54 14.25 -28.78
CA MET F 5 -8.74 13.77 -29.90
C MET F 5 -8.64 14.83 -30.98
N GLY F 6 -9.76 15.44 -31.32
CA GLY F 6 -9.77 16.54 -32.26
C GLY F 6 -8.88 17.65 -31.75
N GLN F 7 -8.76 17.75 -30.43
CA GLN F 7 -7.92 18.76 -29.81
C GLN F 7 -6.43 18.48 -30.05
N VAL F 8 -6.00 17.24 -29.86
CA VAL F 8 -4.62 16.85 -30.14
C VAL F 8 -4.28 17.13 -31.59
N GLY F 9 -5.24 16.92 -32.47
CA GLY F 9 -5.04 17.12 -33.90
C GLY F 9 -4.74 18.56 -34.24
N ARG F 10 -5.53 19.48 -33.70
CA ARG F 10 -5.35 20.90 -33.98
C ARG F 10 -4.00 21.40 -33.47
N GLN F 11 -3.57 20.86 -32.33
CA GLN F 11 -2.26 21.21 -31.78
C GLN F 11 -1.14 20.79 -32.72
N LEU F 12 -1.19 19.55 -33.20
CA LEU F 12 -0.22 19.06 -34.16
C LEU F 12 -0.15 19.97 -35.37
N ALA F 13 -1.31 20.36 -35.88
CA ALA F 13 -1.38 21.25 -37.03
C ALA F 13 -0.77 22.61 -36.69
N ILE F 14 -1.02 23.07 -35.47
CA ILE F 14 -0.46 24.35 -35.01
C ILE F 14 1.05 24.25 -34.86
N ILE F 15 1.53 23.18 -34.22
CA ILE F 15 2.95 22.94 -34.12
C ILE F 15 3.57 22.82 -35.51
N GLY F 16 2.89 22.09 -36.39
CA GLY F 16 3.38 21.86 -37.74
C GLY F 16 3.54 23.14 -38.54
N ASP F 17 2.54 24.01 -38.46
CA ASP F 17 2.58 25.29 -39.16
C ASP F 17 3.72 26.16 -38.63
N ASP F 18 4.00 26.04 -37.35
CA ASP F 18 5.08 26.80 -36.74
C ASP F 18 6.43 26.26 -37.20
N ILE F 19 6.50 24.94 -37.36
CA ILE F 19 7.70 24.30 -37.89
C ILE F 19 7.98 24.82 -39.30
N ASN F 20 6.95 24.86 -40.14
CA ASN F 20 7.12 25.37 -41.50
C ASN F 20 7.61 26.81 -41.51
N ARG F 21 7.24 27.57 -40.48
CA ARG F 21 7.59 28.99 -40.40
C ARG F 21 9.06 29.19 -40.04
N ARG F 22 9.60 28.30 -39.20
CA ARG F 22 10.92 28.52 -38.61
C ARG F 22 12.05 27.92 -39.43
N TYR F 23 11.79 26.80 -40.09
CA TYR F 23 12.84 26.13 -40.86
C TYR F 23 12.93 26.69 -42.28
N ASP F 24 11.88 27.37 -42.73
CA ASP F 24 11.86 27.97 -44.06
C ASP F 24 10.70 28.96 -44.18
N THR G 31 -6.32 -1.58 41.16
CA THR G 31 -6.62 -1.60 39.72
C THR G 31 -6.31 -0.26 39.07
N ASN G 32 -5.54 0.58 39.77
CA ASN G 32 -5.16 1.89 39.28
C ASN G 32 -3.82 1.84 38.55
N ILE G 33 -3.87 1.74 37.22
CA ILE G 33 -2.67 1.51 36.41
C ILE G 33 -1.57 2.54 36.65
N LEU G 34 -1.95 3.81 36.75
CA LEU G 34 -0.97 4.89 36.87
C LEU G 34 -0.25 4.83 38.22
N ASP G 35 -0.80 4.06 39.15
CA ASP G 35 -0.18 3.87 40.46
C ASP G 35 0.95 2.84 40.40
N TYR G 36 0.85 1.90 39.46
CA TYR G 36 1.84 0.84 39.31
C TYR G 36 3.05 1.27 38.49
N LEU G 37 2.98 2.46 37.92
CA LEU G 37 4.07 3.00 37.09
C LEU G 37 4.74 4.19 37.79
N SER G 38 5.64 3.89 38.71
CA SER G 38 6.32 4.92 39.51
C SER G 38 7.81 4.96 39.25
N THR G 39 8.43 3.79 39.10
CA THR G 39 9.87 3.71 38.84
C THR G 39 10.14 3.79 37.35
N GLU G 40 11.36 4.19 37.00
CA GLU G 40 11.75 4.25 35.59
C GLU G 40 11.74 2.85 34.99
N ARG G 41 12.11 1.86 35.78
CA ARG G 41 12.09 0.48 35.34
C ARG G 41 10.66 0.04 35.02
N ASP G 42 9.71 0.46 35.84
CA ASP G 42 8.31 0.12 35.64
C ASP G 42 7.77 0.69 34.33
N HIS G 43 8.20 1.90 33.99
CA HIS G 43 7.76 2.55 32.76
C HIS G 43 8.32 1.87 31.52
N VAL G 44 9.62 1.62 31.51
CA VAL G 44 10.28 0.97 30.38
C VAL G 44 9.76 -0.45 30.20
N MET G 45 9.60 -1.16 31.31
CA MET G 45 9.11 -2.53 31.27
C MET G 45 7.69 -2.56 30.72
N MET G 46 6.90 -1.54 31.05
CA MET G 46 5.54 -1.42 30.52
C MET G 46 5.58 -1.20 29.00
N ALA G 47 6.52 -0.36 28.57
CA ALA G 47 6.64 -0.03 27.15
C ALA G 47 7.05 -1.25 26.33
N VAL G 48 7.98 -2.03 26.87
CA VAL G 48 8.44 -3.25 26.20
C VAL G 48 7.29 -4.25 26.08
N GLN G 49 6.50 -4.38 27.15
CA GLN G 49 5.40 -5.34 27.16
C GLN G 49 4.31 -4.93 26.18
N TYR G 50 4.01 -3.64 26.12
CA TYR G 50 3.00 -3.15 25.20
C TYR G 50 3.45 -3.37 23.76
N TYR G 51 4.73 -3.11 23.50
CA TYR G 51 5.29 -3.29 22.17
C TYR G 51 5.06 -4.71 21.67
N MET G 52 5.47 -5.68 22.48
CA MET G 52 5.32 -7.09 22.17
C MET G 52 3.86 -7.43 21.90
N SER G 53 2.98 -7.04 22.81
CA SER G 53 1.55 -7.34 22.71
C SER G 53 0.90 -6.66 21.51
N LYS G 54 1.24 -5.40 21.27
CA LYS G 54 0.70 -4.66 20.15
C LYS G 54 1.11 -5.30 18.82
N GLN G 55 2.40 -5.62 18.72
CA GLN G 55 2.91 -6.31 17.54
C GLN G 55 2.20 -7.64 17.36
N ARG G 56 2.15 -8.42 18.42
CA ARG G 56 1.54 -9.75 18.36
C ARG G 56 0.08 -9.69 17.93
N LEU G 57 -0.61 -8.63 18.31
CA LEU G 57 -2.04 -8.51 18.03
C LEU G 57 -2.29 -7.94 16.64
N ASP G 58 -1.52 -6.92 16.26
CA ASP G 58 -1.59 -6.38 14.90
C ASP G 58 -1.28 -7.47 13.88
N ASP G 59 -0.26 -8.27 14.18
CA ASP G 59 0.12 -9.37 13.31
C ASP G 59 -0.98 -10.40 13.22
N LEU G 60 -1.58 -10.72 14.37
CA LEU G 60 -2.65 -11.71 14.42
C LEU G 60 -3.81 -11.30 13.52
N TYR G 61 -4.25 -10.06 13.67
CA TYR G 61 -5.38 -9.56 12.88
C TYR G 61 -5.03 -9.53 11.39
N ARG G 62 -3.78 -9.20 11.08
CA ARG G 62 -3.31 -9.13 9.70
C ARG G 62 -3.44 -10.48 9.00
N GLN G 63 -3.27 -11.56 9.76
CA GLN G 63 -3.28 -12.91 9.21
C GLN G 63 -4.67 -13.55 9.22
N LEU G 64 -5.64 -12.93 9.88
CA LEU G 64 -6.97 -13.51 9.98
C LEU G 64 -7.71 -13.44 8.63
N PRO G 65 -8.51 -14.46 8.31
CA PRO G 65 -9.27 -14.42 7.05
C PRO G 65 -10.46 -13.45 7.11
N THR G 66 -11.16 -13.35 5.99
CA THR G 66 -12.34 -12.48 5.87
C THR G 66 -13.46 -12.92 6.80
N LYS G 67 -13.60 -14.24 6.98
CA LYS G 67 -14.70 -14.78 7.77
C LYS G 67 -14.55 -14.45 9.24
N THR G 68 -13.32 -14.47 9.75
CA THR G 68 -13.07 -14.15 11.14
C THR G 68 -13.28 -12.65 11.36
N ARG G 69 -12.78 -11.85 10.42
CA ARG G 69 -12.89 -10.39 10.51
C ARG G 69 -14.35 -9.95 10.55
N SER G 70 -15.20 -10.67 9.83
CA SER G 70 -16.63 -10.35 9.81
C SER G 70 -17.25 -10.67 11.17
N TYR G 71 -16.82 -11.78 11.77
CA TYR G 71 -17.31 -12.15 13.10
C TYR G 71 -16.82 -11.14 14.14
N ILE G 72 -15.61 -10.62 13.96
CA ILE G 72 -15.07 -9.62 14.87
C ILE G 72 -15.92 -8.36 14.81
N ASP G 73 -16.37 -7.99 13.61
CA ASP G 73 -17.21 -6.80 13.44
C ASP G 73 -18.59 -7.00 14.07
N ILE G 74 -19.10 -8.23 14.01
CA ILE G 74 -20.38 -8.56 14.61
C ILE G 74 -20.27 -8.44 16.14
N ILE G 75 -19.20 -9.00 16.69
CA ILE G 75 -18.98 -8.96 18.13
C ILE G 75 -18.68 -7.53 18.58
N ASN G 76 -17.94 -6.78 17.76
CA ASN G 76 -17.70 -5.37 18.05
C ASN G 76 -19.02 -4.63 18.22
N MET G 77 -19.86 -4.71 17.19
CA MET G 77 -21.13 -4.00 17.19
C MET G 77 -22.01 -4.37 18.38
N TYR G 78 -22.21 -5.68 18.58
CA TYR G 78 -23.17 -6.16 19.56
C TYR G 78 -22.71 -5.98 20.99
N CYS G 79 -21.42 -6.21 21.27
CA CYS G 79 -20.92 -6.12 22.64
C CYS G 79 -20.59 -4.70 23.05
N ASP G 80 -20.27 -3.83 22.09
CA ASP G 80 -20.07 -2.42 22.41
C ASP G 80 -21.42 -1.81 22.76
N LYS G 81 -22.47 -2.28 22.09
CA LYS G 81 -23.82 -1.81 22.36
C LYS G 81 -24.22 -2.22 23.77
N VAL G 82 -23.85 -3.44 24.15
CA VAL G 82 -24.17 -3.96 25.47
C VAL G 82 -23.40 -3.20 26.56
N ASN G 83 -22.18 -2.79 26.24
CA ASN G 83 -21.36 -2.01 27.17
C ASN G 83 -22.04 -0.70 27.54
N ASN G 84 -22.51 0.02 26.54
CA ASN G 84 -23.18 1.30 26.74
C ASN G 84 -24.54 1.13 27.39
N ASP G 85 -25.37 0.27 26.81
CA ASP G 85 -26.73 0.05 27.28
C ASP G 85 -26.78 -0.41 28.73
N TYR G 86 -25.88 -1.31 29.10
CA TYR G 86 -25.87 -1.88 30.44
C TYR G 86 -24.59 -1.50 31.18
N ASN G 87 -24.16 -0.26 31.01
CA ASN G 87 -22.96 0.24 31.69
C ASN G 87 -23.10 0.07 33.21
N ARG G 88 -24.27 0.45 33.75
CA ARG G 88 -24.52 0.33 35.17
C ARG G 88 -24.48 -1.11 35.66
N ASP G 89 -25.12 -1.99 34.91
CA ASP G 89 -25.18 -3.39 35.25
C ASP G 89 -23.79 -4.03 35.25
N MET G 90 -22.95 -3.62 34.30
CA MET G 90 -21.58 -4.12 34.23
C MET G 90 -20.80 -3.73 35.47
N ASN G 91 -20.87 -2.46 35.85
CA ASN G 91 -20.21 -1.99 37.06
C ASN G 91 -20.73 -2.71 38.29
N ILE G 92 -22.05 -2.90 38.35
CA ILE G 92 -22.66 -3.63 39.45
C ILE G 92 -22.09 -5.04 39.54
N MET G 93 -21.98 -5.71 38.39
CA MET G 93 -21.48 -7.08 38.36
C MET G 93 -20.00 -7.16 38.72
N TYR G 94 -19.23 -6.13 38.38
CA TYR G 94 -17.83 -6.11 38.75
C TYR G 94 -17.66 -5.94 40.25
N ASP G 95 -18.37 -4.96 40.81
CA ASP G 95 -18.28 -4.67 42.23
C ASP G 95 -18.84 -5.81 43.07
N MET G 96 -19.71 -6.62 42.47
CA MET G 96 -20.20 -7.81 43.13
C MET G 96 -19.09 -8.86 43.20
N ALA G 97 -18.45 -9.11 42.07
CA ALA G 97 -17.37 -10.09 42.00
C ALA G 97 -16.15 -9.65 42.81
N SER G 98 -16.02 -8.34 43.02
CA SER G 98 -14.91 -7.80 43.78
C SER G 98 -15.13 -7.94 45.29
N THR G 99 -16.30 -8.45 45.67
CA THR G 99 -16.63 -8.67 47.06
C THR G 99 -15.74 -9.74 47.68
N GLU G 100 -15.38 -10.74 46.87
CA GLU G 100 -14.69 -11.92 47.36
C GLU G 100 -13.60 -12.36 46.40
N SER G 101 -12.46 -12.77 46.94
CA SER G 101 -11.34 -13.23 46.13
C SER G 101 -11.70 -14.49 45.38
N PHE G 102 -11.87 -14.37 44.06
CA PHE G 102 -12.23 -15.50 43.21
C PHE G 102 -11.13 -15.77 42.18
N THR G 103 -11.27 -16.89 41.46
CA THR G 103 -10.28 -17.30 40.48
C THR G 103 -10.91 -17.44 39.09
N VAL G 104 -10.07 -17.72 38.10
CA VAL G 104 -10.52 -17.90 36.73
C VAL G 104 -11.45 -19.10 36.60
N TYR G 105 -11.27 -20.08 37.48
CA TYR G 105 -12.09 -21.28 37.43
C TYR G 105 -13.43 -21.08 38.14
N ASP G 106 -13.44 -20.18 39.12
CA ASP G 106 -14.68 -19.82 39.81
C ASP G 106 -15.61 -19.11 38.84
N ILE G 107 -15.07 -18.16 38.08
CA ILE G 107 -15.85 -17.40 37.11
C ILE G 107 -16.26 -18.30 35.94
N ASN G 108 -15.33 -19.12 35.47
CA ASN G 108 -15.59 -19.95 34.30
C ASN G 108 -16.62 -21.04 34.57
N ASN G 109 -16.47 -21.73 35.69
CA ASN G 109 -17.44 -22.76 36.09
C ASN G 109 -18.83 -22.16 36.23
N GLU G 110 -18.89 -20.96 36.79
CA GLU G 110 -20.17 -20.26 36.95
C GLU G 110 -20.83 -20.01 35.61
N VAL G 111 -20.09 -19.38 34.69
CA VAL G 111 -20.61 -19.10 33.36
C VAL G 111 -21.06 -20.37 32.66
N ASN G 112 -20.32 -21.46 32.86
CA ASN G 112 -20.67 -22.74 32.26
C ASN G 112 -22.04 -23.22 32.72
N THR G 113 -22.32 -23.04 34.01
CA THR G 113 -23.61 -23.43 34.58
C THR G 113 -24.76 -22.67 33.94
N ILE G 114 -24.62 -21.34 33.86
CA ILE G 114 -25.66 -20.48 33.31
C ILE G 114 -25.95 -20.77 31.85
N LEU G 115 -24.91 -21.10 31.08
CA LEU G 115 -25.07 -21.33 29.64
C LEU G 115 -25.67 -22.69 29.32
N MET G 116 -25.58 -23.62 30.27
CA MET G 116 -26.19 -24.93 30.08
C MET G 116 -27.70 -24.84 30.30
N ASP G 117 -28.13 -23.90 31.14
CA ASP G 117 -29.53 -23.74 31.50
C ASP G 117 -30.18 -22.57 30.75
N ASN G 118 -29.40 -21.90 29.90
CA ASN G 118 -29.87 -20.77 29.12
C ASN G 118 -29.30 -20.78 27.71
N LYS G 119 -30.19 -20.82 26.72
CA LYS G 119 -29.79 -20.98 25.32
C LYS G 119 -30.16 -19.75 24.47
N GLY G 120 -30.13 -18.58 25.10
CA GLY G 120 -30.39 -17.32 24.42
C GLY G 120 -29.09 -16.63 24.02
N LEU G 121 -29.16 -15.76 23.02
CA LEU G 121 -28.00 -15.02 22.56
C LEU G 121 -27.58 -13.95 23.57
N GLY G 122 -28.57 -13.32 24.19
CA GLY G 122 -28.35 -12.22 25.10
C GLY G 122 -27.34 -12.48 26.20
N VAL G 123 -27.54 -13.59 26.92
CA VAL G 123 -26.68 -13.91 28.06
C VAL G 123 -25.23 -14.16 27.62
N ARG G 124 -25.04 -14.63 26.40
CA ARG G 124 -23.70 -14.84 25.87
C ARG G 124 -23.00 -13.51 25.55
N LEU G 125 -23.72 -12.61 24.88
CA LEU G 125 -23.18 -11.29 24.58
C LEU G 125 -22.85 -10.54 25.86
N ALA G 126 -23.69 -10.71 26.88
CA ALA G 126 -23.49 -10.03 28.16
C ALA G 126 -22.25 -10.55 28.85
N THR G 127 -22.00 -11.85 28.75
CA THR G 127 -20.85 -12.47 29.38
C THR G 127 -19.56 -11.99 28.74
N ILE G 128 -19.54 -11.92 27.42
CA ILE G 128 -18.38 -11.41 26.69
C ILE G 128 -18.02 -10.03 27.21
N SER G 129 -19.02 -9.16 27.31
CA SER G 129 -18.79 -7.80 27.78
C SER G 129 -18.27 -7.76 29.21
N PHE G 130 -18.83 -8.58 30.08
CA PHE G 130 -18.42 -8.61 31.48
C PHE G 130 -17.00 -9.17 31.65
N ILE G 131 -16.72 -10.28 30.98
CA ILE G 131 -15.38 -10.85 31.03
C ILE G 131 -14.38 -9.84 30.47
N THR G 132 -14.77 -9.16 29.40
CA THR G 132 -13.94 -8.10 28.84
C THR G 132 -13.75 -6.99 29.86
N GLU G 133 -14.83 -6.64 30.57
CA GLU G 133 -14.77 -5.63 31.61
C GLU G 133 -13.77 -6.02 32.70
N LEU G 134 -13.88 -7.24 33.22
CA LEU G 134 -12.95 -7.73 34.23
C LEU G 134 -11.52 -7.65 33.73
N GLY G 135 -11.34 -7.86 32.44
CA GLY G 135 -10.01 -7.88 31.84
C GLY G 135 -9.32 -6.52 31.91
N LYS G 136 -10.08 -5.46 31.67
CA LYS G 136 -9.53 -4.11 31.69
C LYS G 136 -9.15 -3.69 33.11
N ARG G 137 -9.81 -4.27 34.11
CA ARG G 137 -9.58 -3.92 35.50
C ARG G 137 -8.56 -4.83 36.17
N CYS G 138 -8.27 -5.96 35.54
CA CYS G 138 -7.24 -6.87 36.04
C CYS G 138 -5.87 -6.38 35.60
N MET G 139 -4.94 -6.29 36.55
CA MET G 139 -3.62 -5.73 36.29
C MET G 139 -2.60 -6.80 35.90
N ASN G 140 -2.90 -8.05 36.24
CA ASN G 140 -2.03 -9.17 35.88
C ASN G 140 -2.28 -9.64 34.44
N PRO G 141 -1.29 -9.49 33.55
CA PRO G 141 -1.49 -9.89 32.15
C PRO G 141 -1.72 -11.40 31.97
N VAL G 142 -0.91 -12.21 32.63
CA VAL G 142 -1.00 -13.67 32.49
C VAL G 142 -2.36 -14.23 32.91
N GLU G 143 -2.88 -13.75 34.04
CA GLU G 143 -4.16 -14.25 34.53
C GLU G 143 -5.32 -13.74 33.69
N THR G 144 -5.15 -12.56 33.10
CA THR G 144 -6.20 -11.98 32.26
C THR G 144 -6.39 -12.77 30.97
N ILE G 145 -5.30 -13.16 30.31
CA ILE G 145 -5.41 -13.92 29.07
C ILE G 145 -5.91 -15.33 29.38
N LYS G 146 -5.50 -15.86 30.52
CA LYS G 146 -6.00 -17.15 30.99
C LYS G 146 -7.51 -17.08 31.09
N MET G 147 -8.01 -15.96 31.58
CA MET G 147 -9.44 -15.75 31.69
C MET G 147 -10.06 -15.62 30.30
N PHE G 148 -9.48 -14.75 29.48
CA PHE G 148 -9.97 -14.55 28.11
C PHE G 148 -10.00 -15.87 27.35
N THR G 149 -8.91 -16.62 27.42
CA THR G 149 -8.78 -17.87 26.69
C THR G 149 -9.80 -18.91 27.14
N LEU G 150 -9.91 -19.09 28.46
CA LEU G 150 -10.80 -20.11 29.02
C LEU G 150 -12.27 -19.76 28.77
N LEU G 151 -12.66 -18.54 29.12
CA LEU G 151 -14.05 -18.12 28.99
C LEU G 151 -14.49 -18.11 27.52
N SER G 152 -13.57 -17.84 26.61
CA SER G 152 -13.89 -17.84 25.19
C SER G 152 -14.36 -19.22 24.74
N HIS G 153 -13.78 -20.26 25.32
CA HIS G 153 -14.17 -21.63 24.99
C HIS G 153 -15.55 -21.96 25.56
N THR G 154 -15.82 -21.50 26.77
CA THR G 154 -17.09 -21.75 27.43
C THR G 154 -18.23 -21.00 26.77
N ILE G 155 -17.99 -19.74 26.42
CA ILE G 155 -19.02 -18.89 25.80
C ILE G 155 -19.38 -19.38 24.41
N CYS G 156 -18.37 -19.82 23.65
CA CYS G 156 -18.58 -20.27 22.28
C CYS G 156 -19.07 -21.72 22.22
N ASP G 157 -20.24 -21.97 22.80
CA ASP G 157 -20.87 -23.29 22.71
C ASP G 157 -21.68 -23.37 21.42
N ASP G 158 -22.21 -24.56 21.12
CA ASP G 158 -22.94 -24.79 19.87
C ASP G 158 -24.09 -23.80 19.70
N CYS G 159 -24.64 -23.35 20.81
CA CYS G 159 -25.75 -22.40 20.78
C CYS G 159 -25.29 -21.05 20.25
N PHE G 160 -24.16 -20.57 20.76
CA PHE G 160 -23.67 -19.24 20.40
C PHE G 160 -23.22 -19.18 18.95
N ILE G 161 -22.45 -20.18 18.53
CA ILE G 161 -21.98 -20.27 17.15
C ILE G 161 -23.16 -20.35 16.20
N ASP G 162 -24.20 -21.10 16.58
CA ASP G 162 -25.43 -21.16 15.80
C ASP G 162 -25.98 -19.76 15.55
N TYR G 163 -26.05 -18.94 16.60
CA TYR G 163 -26.55 -17.57 16.48
C TYR G 163 -25.68 -16.73 15.57
N ILE G 164 -24.39 -16.67 15.86
CA ILE G 164 -23.46 -15.83 15.11
C ILE G 164 -23.39 -16.19 13.62
N THR G 165 -23.20 -17.48 13.31
CA THR G 165 -23.10 -17.90 11.92
C THR G 165 -24.39 -17.62 11.16
N ASP G 166 -25.48 -17.40 11.89
CA ASP G 166 -26.77 -17.11 11.27
C ASP G 166 -26.83 -15.67 10.74
N ILE G 167 -26.11 -14.76 11.39
CA ILE G 167 -26.01 -13.39 10.92
C ILE G 167 -25.30 -13.35 9.57
N SER H 2 -19.67 -19.09 45.23
CA SER H 2 -20.94 -19.46 44.61
C SER H 2 -22.09 -18.61 45.12
N SER H 3 -21.81 -17.78 46.12
CA SER H 3 -22.78 -16.79 46.61
C SER H 3 -22.59 -15.50 45.83
N THR H 4 -21.39 -14.94 45.93
CA THR H 4 -21.00 -13.80 45.11
C THR H 4 -21.10 -14.16 43.64
N MET H 5 -20.54 -15.32 43.30
CA MET H 5 -20.52 -15.80 41.93
C MET H 5 -21.93 -16.10 41.40
N GLY H 6 -22.72 -16.80 42.21
CA GLY H 6 -24.08 -17.13 41.83
C GLY H 6 -24.88 -15.88 41.51
N GLN H 7 -24.56 -14.80 42.21
CA GLN H 7 -25.27 -13.54 42.05
C GLN H 7 -24.88 -12.87 40.73
N VAL H 8 -23.59 -12.91 40.40
CA VAL H 8 -23.12 -12.41 39.12
C VAL H 8 -23.77 -13.18 37.97
N GLY H 9 -23.91 -14.49 38.15
CA GLY H 9 -24.48 -15.34 37.13
C GLY H 9 -25.95 -15.04 36.85
N ARG H 10 -26.74 -14.88 37.90
CA ARG H 10 -28.15 -14.58 37.75
C ARG H 10 -28.33 -13.23 37.08
N GLN H 11 -27.43 -12.30 37.39
CA GLN H 11 -27.51 -10.95 36.84
C GLN H 11 -27.24 -10.98 35.34
N LEU H 12 -26.29 -11.81 34.92
CA LEU H 12 -25.99 -11.99 33.51
C LEU H 12 -27.20 -12.52 32.75
N ALA H 13 -27.90 -13.46 33.37
CA ALA H 13 -29.09 -14.05 32.77
C ALA H 13 -30.19 -13.01 32.62
N ILE H 14 -30.32 -12.14 33.62
CA ILE H 14 -31.32 -11.08 33.60
C ILE H 14 -31.06 -10.08 32.48
N ILE H 15 -29.81 -9.64 32.35
CA ILE H 15 -29.43 -8.75 31.26
C ILE H 15 -29.65 -9.44 29.91
N GLY H 16 -29.26 -10.71 29.84
CA GLY H 16 -29.42 -11.49 28.62
C GLY H 16 -30.86 -11.61 28.20
N ASP H 17 -31.75 -11.84 29.16
CA ASP H 17 -33.18 -11.94 28.87
C ASP H 17 -33.74 -10.60 28.38
N ASP H 18 -33.20 -9.51 28.92
CA ASP H 18 -33.61 -8.19 28.48
C ASP H 18 -33.10 -7.96 27.05
N ILE H 19 -31.86 -8.35 26.80
CA ILE H 19 -31.30 -8.28 25.45
C ILE H 19 -32.14 -9.11 24.49
N ASN H 20 -32.58 -10.29 24.93
CA ASN H 20 -33.36 -11.15 24.06
C ASN H 20 -34.67 -10.50 23.63
N ARG H 21 -35.43 -9.97 24.59
CA ARG H 21 -36.73 -9.40 24.29
C ARG H 21 -36.63 -8.07 23.53
N ARG H 22 -35.48 -7.42 23.60
CA ARG H 22 -35.29 -6.13 22.94
C ARG H 22 -34.97 -6.28 21.46
N TYR H 23 -34.25 -7.35 21.12
CA TYR H 23 -33.76 -7.57 19.76
C TYR H 23 -34.64 -8.57 19.00
N ASP H 24 -35.62 -9.14 19.70
CA ASP H 24 -36.57 -10.07 19.10
C ASP H 24 -37.94 -9.43 18.94
N ASN I 32 1.35 -21.11 11.38
CA ASN I 32 0.27 -20.81 10.44
C ASN I 32 -1.08 -20.81 11.14
N ILE I 33 -1.79 -19.68 11.06
CA ILE I 33 -3.04 -19.50 11.79
C ILE I 33 -4.21 -20.22 11.13
N LEU I 34 -4.16 -20.38 9.80
CA LEU I 34 -5.23 -21.05 9.07
C LEU I 34 -5.38 -22.51 9.49
N ASP I 35 -4.34 -23.07 10.10
CA ASP I 35 -4.36 -24.45 10.55
C ASP I 35 -5.36 -24.64 11.69
N TYR I 36 -5.55 -23.57 12.48
CA TYR I 36 -6.38 -23.63 13.67
C TYR I 36 -7.74 -22.96 13.46
N LEU I 37 -8.01 -22.56 12.21
CA LEU I 37 -9.30 -21.99 11.85
C LEU I 37 -10.03 -22.94 10.91
N SER I 38 -10.28 -24.16 11.40
CA SER I 38 -10.92 -25.19 10.60
C SER I 38 -12.44 -25.06 10.61
N THR I 39 -13.02 -25.11 11.81
CA THR I 39 -14.48 -25.11 11.96
C THR I 39 -15.03 -23.73 12.22
N GLU I 40 -16.35 -23.61 12.29
CA GLU I 40 -16.99 -22.33 12.60
C GLU I 40 -16.72 -21.95 14.05
N ARG I 41 -16.67 -22.96 14.92
CA ARG I 41 -16.37 -22.72 16.32
C ARG I 41 -14.98 -22.08 16.45
N ASP I 42 -14.06 -22.46 15.56
CA ASP I 42 -12.72 -21.91 15.59
C ASP I 42 -12.71 -20.43 15.22
N HIS I 43 -13.46 -20.08 14.18
CA HIS I 43 -13.54 -18.69 13.74
C HIS I 43 -14.19 -17.80 14.80
N VAL I 44 -15.35 -18.21 15.28
CA VAL I 44 -16.10 -17.42 16.25
C VAL I 44 -15.32 -17.27 17.55
N MET I 45 -14.63 -18.33 17.95
CA MET I 45 -13.84 -18.30 19.17
C MET I 45 -12.62 -17.41 18.99
N MET I 46 -12.07 -17.40 17.78
CA MET I 46 -10.96 -16.51 17.47
C MET I 46 -11.42 -15.06 17.54
N ALA I 47 -12.64 -14.81 17.05
CA ALA I 47 -13.20 -13.47 17.05
C ALA I 47 -13.42 -12.96 18.47
N VAL I 48 -13.91 -13.82 19.35
CA VAL I 48 -14.18 -13.44 20.73
C VAL I 48 -12.88 -13.14 21.46
N GLN I 49 -11.90 -14.02 21.32
CA GLN I 49 -10.61 -13.83 21.98
C GLN I 49 -9.95 -12.54 21.51
N TYR I 50 -10.08 -12.24 20.23
CA TYR I 50 -9.48 -11.03 19.69
C TYR I 50 -10.19 -9.79 20.21
N TYR I 51 -11.52 -9.87 20.34
CA TYR I 51 -12.30 -8.76 20.87
C TYR I 51 -11.84 -8.40 22.28
N MET I 52 -11.77 -9.42 23.13
CA MET I 52 -11.33 -9.23 24.51
C MET I 52 -9.93 -8.64 24.57
N SER I 53 -9.01 -9.24 23.82
CA SER I 53 -7.61 -8.83 23.85
C SER I 53 -7.42 -7.44 23.28
N LYS I 54 -8.15 -7.12 22.22
CA LYS I 54 -8.03 -5.81 21.59
C LYS I 54 -8.63 -4.73 22.49
N GLN I 55 -9.78 -5.04 23.08
CA GLN I 55 -10.43 -4.12 24.00
C GLN I 55 -9.51 -3.78 25.17
N ARG I 56 -8.83 -4.81 25.69
CA ARG I 56 -7.93 -4.62 26.82
C ARG I 56 -6.72 -3.79 26.44
N LEU I 57 -6.13 -4.09 25.28
CA LEU I 57 -4.89 -3.44 24.89
C LEU I 57 -5.13 -1.97 24.53
N ASP I 58 -6.27 -1.70 23.88
CA ASP I 58 -6.66 -0.31 23.63
C ASP I 58 -6.87 0.43 24.95
N ASP I 59 -7.63 -0.17 25.86
CA ASP I 59 -7.92 0.43 27.15
C ASP I 59 -6.65 0.68 27.94
N LEU I 60 -5.72 -0.27 27.88
CA LEU I 60 -4.44 -0.14 28.55
C LEU I 60 -3.67 1.07 28.04
N TYR I 61 -3.53 1.17 26.71
CA TYR I 61 -2.79 2.26 26.09
C TYR I 61 -3.43 3.61 26.39
N ARG I 62 -4.76 3.61 26.48
CA ARG I 62 -5.51 4.83 26.74
C ARG I 62 -5.12 5.44 28.09
N GLN I 63 -4.77 4.57 29.05
CA GLN I 63 -4.47 5.02 30.40
C GLN I 63 -2.98 5.26 30.63
N LEU I 64 -2.14 4.94 29.65
CA LEU I 64 -0.70 5.07 29.83
C LEU I 64 -0.26 6.53 29.88
N PRO I 65 0.61 6.88 30.85
CA PRO I 65 1.10 8.27 30.96
C PRO I 65 1.91 8.73 29.75
N THR I 66 2.15 10.03 29.67
CA THR I 66 2.97 10.63 28.62
C THR I 66 4.35 9.98 28.55
N LYS I 67 4.95 9.75 29.72
CA LYS I 67 6.28 9.19 29.80
C LYS I 67 6.36 7.80 29.17
N THR I 68 5.38 6.96 29.50
CA THR I 68 5.37 5.59 28.99
C THR I 68 5.28 5.60 27.48
N ARG I 69 4.34 6.37 26.96
CA ARG I 69 4.10 6.46 25.53
C ARG I 69 5.35 6.88 24.77
N SER I 70 6.15 7.75 25.38
CA SER I 70 7.38 8.21 24.76
C SER I 70 8.42 7.10 24.73
N TYR I 71 8.34 6.20 25.71
CA TYR I 71 9.22 5.03 25.74
C TYR I 71 8.73 3.98 24.73
N ILE I 72 7.45 4.00 24.42
CA ILE I 72 6.90 3.11 23.41
C ILE I 72 7.37 3.58 22.03
N ASP I 73 7.49 4.90 21.85
CA ASP I 73 7.96 5.46 20.59
C ASP I 73 9.40 5.07 20.32
N ILE I 74 10.25 5.15 21.34
CA ILE I 74 11.65 4.81 21.21
C ILE I 74 11.81 3.35 20.81
N ILE I 75 11.11 2.46 21.52
CA ILE I 75 11.21 1.04 21.24
C ILE I 75 10.59 0.70 19.88
N ASN I 76 9.52 1.39 19.52
CA ASN I 76 8.93 1.24 18.19
C ASN I 76 9.97 1.51 17.11
N MET I 77 10.70 2.61 17.25
CA MET I 77 11.67 3.00 16.24
C MET I 77 12.78 1.98 16.10
N TYR I 78 13.43 1.65 17.20
CA TYR I 78 14.60 0.78 17.17
C TYR I 78 14.26 -0.65 16.78
N CYS I 79 13.22 -1.22 17.39
CA CYS I 79 12.91 -2.63 17.21
C CYS I 79 12.25 -2.92 15.87
N ASP I 80 11.53 -1.93 15.32
CA ASP I 80 11.02 -2.06 13.96
C ASP I 80 12.20 -2.02 12.98
N LYS I 81 13.20 -1.24 13.34
CA LYS I 81 14.44 -1.14 12.57
C LYS I 81 15.13 -2.50 12.50
N VAL I 82 15.18 -3.17 13.65
CA VAL I 82 15.83 -4.47 13.76
C VAL I 82 15.01 -5.56 13.08
N ASN I 83 13.69 -5.49 13.23
CA ASN I 83 12.79 -6.48 12.63
C ASN I 83 12.96 -6.58 11.12
N ASN I 84 13.44 -5.51 10.50
CA ASN I 84 13.59 -5.45 9.05
C ASN I 84 15.01 -5.75 8.58
N ASP I 85 16.00 -5.13 9.23
CA ASP I 85 17.40 -5.34 8.87
C ASP I 85 17.82 -6.79 9.07
N TYR I 86 17.28 -7.42 10.12
CA TYR I 86 17.67 -8.77 10.50
C TYR I 86 16.51 -9.76 10.40
N ASN I 87 15.51 -9.40 9.59
CA ASN I 87 14.37 -10.29 9.34
C ASN I 87 14.80 -11.72 9.01
N ARG I 88 15.73 -11.85 8.07
CA ARG I 88 16.23 -13.15 7.66
C ARG I 88 16.95 -13.86 8.81
N ASP I 89 17.76 -13.09 9.55
CA ASP I 89 18.53 -13.65 10.66
C ASP I 89 17.61 -14.22 11.74
N MET I 90 16.54 -13.50 12.05
CA MET I 90 15.60 -13.93 13.08
C MET I 90 14.87 -15.20 12.66
N ASN I 91 14.74 -15.39 11.35
CA ASN I 91 14.10 -16.59 10.82
C ASN I 91 14.95 -17.83 11.04
N ILE I 92 16.24 -17.73 10.71
CA ILE I 92 17.17 -18.83 10.91
C ILE I 92 17.26 -19.16 12.39
N MET I 93 17.10 -18.15 13.23
CA MET I 93 17.17 -18.35 14.69
C MET I 93 15.95 -19.11 15.21
N TYR I 94 14.76 -18.75 14.73
CA TYR I 94 13.55 -19.44 15.12
C TYR I 94 13.54 -20.88 14.63
N ASP I 95 14.04 -21.08 13.41
CA ASP I 95 14.07 -22.41 12.80
C ASP I 95 15.00 -23.36 13.56
N MET I 96 16.20 -22.88 13.90
CA MET I 96 17.17 -23.71 14.60
C MET I 96 16.77 -23.93 16.06
N ALA I 97 15.70 -23.27 16.49
CA ALA I 97 15.22 -23.37 17.86
C ALA I 97 13.99 -24.26 17.95
N SER I 98 13.07 -24.10 17.00
CA SER I 98 11.81 -24.85 17.01
C SER I 98 12.04 -26.35 16.87
N THR I 99 13.22 -26.74 16.40
CA THR I 99 13.55 -28.14 16.22
C THR I 99 13.83 -28.86 17.55
N GLU I 100 13.97 -28.08 18.62
CA GLU I 100 14.11 -28.64 19.97
C GLU I 100 12.87 -28.32 20.81
N SER I 101 12.94 -28.65 22.10
CA SER I 101 11.85 -28.40 23.02
C SER I 101 11.86 -26.96 23.53
N PHE I 102 10.99 -26.13 22.96
CA PHE I 102 10.86 -24.75 23.39
C PHE I 102 10.31 -24.68 24.82
N THR I 103 11.06 -24.03 25.69
CA THR I 103 10.63 -23.77 27.06
C THR I 103 10.86 -22.31 27.38
N VAL I 104 9.82 -21.62 27.85
CA VAL I 104 9.91 -20.21 28.16
C VAL I 104 11.01 -19.97 29.18
N TYR I 105 11.20 -20.93 30.08
CA TYR I 105 12.27 -20.85 31.07
C TYR I 105 13.64 -21.10 30.46
N ASP I 106 13.70 -21.90 29.39
CA ASP I 106 14.95 -22.14 28.68
C ASP I 106 15.45 -20.84 28.06
N ILE I 107 14.63 -20.26 27.19
CA ILE I 107 14.99 -19.02 26.49
C ILE I 107 15.28 -17.88 27.45
N ASN I 108 14.52 -17.80 28.54
CA ASN I 108 14.70 -16.72 29.50
C ASN I 108 16.07 -16.78 30.19
N ASN I 109 16.42 -17.97 30.68
CA ASN I 109 17.71 -18.17 31.33
C ASN I 109 18.86 -17.96 30.36
N GLU I 110 18.62 -18.23 29.09
CA GLU I 110 19.62 -17.99 28.05
C GLU I 110 19.87 -16.49 27.90
N VAL I 111 18.79 -15.74 27.73
CA VAL I 111 18.87 -14.29 27.55
C VAL I 111 19.52 -13.63 28.76
N ASN I 112 19.27 -14.19 29.94
CA ASN I 112 19.83 -13.65 31.17
C ASN I 112 21.36 -13.71 31.14
N THR I 113 21.90 -14.89 30.84
CA THR I 113 23.35 -15.10 30.82
C THR I 113 24.06 -14.08 29.92
N ILE I 114 23.49 -13.85 28.74
CA ILE I 114 24.08 -12.93 27.77
C ILE I 114 24.16 -11.50 28.31
N LEU I 115 23.12 -11.11 29.04
CA LEU I 115 22.98 -9.74 29.51
C LEU I 115 23.83 -9.43 30.75
N MET I 116 24.32 -10.48 31.40
CA MET I 116 25.21 -10.31 32.54
C MET I 116 26.57 -9.82 32.08
N ASP I 117 27.01 -10.32 30.92
CA ASP I 117 28.36 -10.07 30.42
C ASP I 117 28.38 -9.13 29.21
N ASN I 118 27.19 -8.84 28.67
CA ASN I 118 27.06 -7.96 27.50
C ASN I 118 26.16 -6.78 27.83
N LYS I 119 26.78 -5.60 28.02
CA LYS I 119 26.06 -4.40 28.42
C LYS I 119 25.88 -3.43 27.25
N GLY I 120 25.70 -3.99 26.06
CA GLY I 120 25.44 -3.20 24.87
C GLY I 120 23.96 -2.97 24.66
N LEU I 121 23.62 -1.88 23.99
CA LEU I 121 22.23 -1.57 23.68
C LEU I 121 21.69 -2.49 22.59
N GLY I 122 22.58 -2.86 21.66
CA GLY I 122 22.18 -3.65 20.50
C GLY I 122 21.59 -5.01 20.88
N VAL I 123 22.30 -5.75 21.72
CA VAL I 123 21.86 -7.08 22.11
C VAL I 123 20.51 -7.03 22.83
N ARG I 124 20.23 -5.90 23.50
CA ARG I 124 18.94 -5.71 24.15
C ARG I 124 17.83 -5.51 23.13
N LEU I 125 18.12 -4.73 22.09
CA LEU I 125 17.14 -4.47 21.05
C LEU I 125 16.88 -5.71 20.19
N ALA I 126 17.94 -6.51 19.98
CA ALA I 126 17.80 -7.74 19.22
C ALA I 126 16.88 -8.72 19.94
N THR I 127 17.06 -8.82 21.24
CA THR I 127 16.27 -9.74 22.06
C THR I 127 14.78 -9.38 22.01
N ILE I 128 14.47 -8.09 22.15
CA ILE I 128 13.08 -7.65 22.11
C ILE I 128 12.43 -8.03 20.80
N SER I 129 13.18 -7.87 19.71
CA SER I 129 12.68 -8.22 18.38
C SER I 129 12.51 -9.73 18.25
N PHE I 130 13.46 -10.49 18.77
CA PHE I 130 13.42 -11.94 18.68
C PHE I 130 12.23 -12.52 19.44
N ILE I 131 12.10 -12.11 20.71
CA ILE I 131 11.00 -12.57 21.54
C ILE I 131 9.66 -12.16 20.92
N THR I 132 9.62 -10.96 20.34
CA THR I 132 8.42 -10.49 19.66
C THR I 132 8.09 -11.41 18.49
N GLU I 133 9.11 -11.83 17.76
CA GLU I 133 8.92 -12.73 16.63
C GLU I 133 8.38 -14.08 17.10
N LEU I 134 8.91 -14.58 18.21
CA LEU I 134 8.45 -15.85 18.75
C LEU I 134 6.96 -15.79 19.09
N GLY I 135 6.54 -14.67 19.66
CA GLY I 135 5.14 -14.48 20.02
C GLY I 135 4.23 -14.50 18.82
N LYS I 136 4.74 -13.99 17.70
CA LYS I 136 3.98 -13.99 16.44
C LYS I 136 3.90 -15.41 15.86
N ARG I 137 4.85 -16.25 16.23
CA ARG I 137 4.89 -17.64 15.76
C ARG I 137 4.16 -18.56 16.74
N CYS I 138 4.05 -18.12 17.99
CA CYS I 138 3.41 -18.92 19.03
C CYS I 138 1.88 -18.87 18.90
N MET I 139 1.26 -20.03 18.96
CA MET I 139 -0.19 -20.14 18.78
C MET I 139 -0.92 -20.39 20.10
N ASN I 140 -0.19 -20.32 21.20
CA ASN I 140 -0.80 -20.44 22.53
C ASN I 140 -0.77 -19.10 23.26
N PRO I 141 -1.94 -18.41 23.37
CA PRO I 141 -1.98 -17.06 23.96
C PRO I 141 -1.36 -16.98 25.36
N VAL I 142 -1.66 -17.96 26.20
CA VAL I 142 -1.19 -17.94 27.59
C VAL I 142 0.33 -18.02 27.68
N GLU I 143 0.93 -18.92 26.91
CA GLU I 143 2.39 -19.08 26.94
C GLU I 143 3.06 -17.88 26.29
N THR I 144 2.41 -17.30 25.28
CA THR I 144 2.93 -16.12 24.60
C THR I 144 3.14 -14.97 25.57
N ILE I 145 2.17 -14.75 26.47
CA ILE I 145 2.23 -13.62 27.39
C ILE I 145 3.10 -13.92 28.60
N LYS I 146 3.14 -15.18 29.02
CA LYS I 146 4.05 -15.61 30.06
C LYS I 146 5.46 -15.25 29.64
N MET I 147 5.74 -15.48 28.36
CA MET I 147 7.05 -15.16 27.79
C MET I 147 7.25 -13.65 27.76
N PHE I 148 6.32 -12.94 27.10
CA PHE I 148 6.38 -11.48 27.02
C PHE I 148 6.59 -10.86 28.40
N THR I 149 5.84 -11.34 29.39
CA THR I 149 5.94 -10.81 30.74
C THR I 149 7.28 -11.15 31.38
N LEU I 150 7.67 -12.42 31.28
CA LEU I 150 8.90 -12.89 31.92
C LEU I 150 10.14 -12.29 31.26
N LEU I 151 10.16 -12.27 29.93
CA LEU I 151 11.33 -11.75 29.21
C LEU I 151 11.47 -10.24 29.36
N SER I 152 10.35 -9.55 29.60
CA SER I 152 10.38 -8.10 29.78
C SER I 152 11.16 -7.72 31.04
N HIS I 153 11.00 -8.49 32.11
CA HIS I 153 11.74 -8.26 33.33
C HIS I 153 13.23 -8.46 33.11
N THR I 154 13.57 -9.55 32.42
CA THR I 154 14.96 -9.91 32.18
C THR I 154 15.67 -8.86 31.32
N ILE I 155 15.00 -8.43 30.25
CA ILE I 155 15.59 -7.47 29.32
C ILE I 155 15.80 -6.11 29.99
N CYS I 156 14.82 -5.67 30.76
CA CYS I 156 14.86 -4.33 31.35
C CYS I 156 15.68 -4.30 32.63
N ASP I 157 16.94 -4.71 32.53
CA ASP I 157 17.87 -4.58 33.65
C ASP I 157 18.35 -3.13 33.74
N ASP I 158 19.19 -2.84 34.74
CA ASP I 158 19.67 -1.49 34.97
C ASP I 158 20.27 -0.86 33.71
N CYS I 159 21.02 -1.67 32.97
CA CYS I 159 21.73 -1.19 31.79
C CYS I 159 20.77 -0.75 30.68
N PHE I 160 19.68 -1.49 30.49
CA PHE I 160 18.76 -1.18 29.42
C PHE I 160 18.01 0.13 29.68
N ILE I 161 17.46 0.30 30.88
CA ILE I 161 16.66 1.49 31.17
C ILE I 161 17.59 2.70 31.24
N ASP I 162 18.88 2.45 31.45
CA ASP I 162 19.88 3.52 31.40
C ASP I 162 19.98 4.07 29.98
N TYR I 163 20.00 3.17 29.00
CA TYR I 163 20.05 3.58 27.60
C TYR I 163 18.78 4.32 27.18
N ILE I 164 17.63 3.80 27.60
CA ILE I 164 16.35 4.36 27.20
C ILE I 164 16.09 5.75 27.79
N THR I 165 16.26 5.88 29.10
CA THR I 165 15.98 7.14 29.79
C THR I 165 16.91 8.27 29.35
N ASP I 166 18.05 7.90 28.77
CA ASP I 166 19.02 8.88 28.29
C ASP I 166 18.74 9.28 26.84
N ILE I 167 18.16 8.36 26.06
CA ILE I 167 17.91 8.62 24.65
C ILE I 167 16.53 9.25 24.45
N SER I 168 15.97 9.79 25.53
CA SER I 168 14.71 10.54 25.43
C SER I 168 14.98 11.98 24.99
N SER J 2 20.84 -27.80 25.90
CA SER J 2 20.95 -26.39 26.22
C SER J 2 22.21 -25.78 25.60
N SER J 3 22.88 -26.55 24.75
CA SER J 3 24.03 -26.05 24.00
C SER J 3 23.56 -25.49 22.67
N THR J 4 22.47 -26.06 22.15
CA THR J 4 21.80 -25.52 20.99
C THR J 4 21.13 -24.20 21.36
N MET J 5 20.75 -24.09 22.62
CA MET J 5 20.24 -22.84 23.17
C MET J 5 21.30 -21.75 23.09
N GLY J 6 22.56 -22.16 23.27
CA GLY J 6 23.67 -21.23 23.22
C GLY J 6 23.86 -20.61 21.86
N GLN J 7 23.35 -21.28 20.83
CA GLN J 7 23.46 -20.78 19.46
C GLN J 7 22.47 -19.64 19.23
N VAL J 8 21.28 -19.77 19.80
CA VAL J 8 20.31 -18.67 19.79
C VAL J 8 20.89 -17.49 20.54
N GLY J 9 21.57 -17.78 21.65
CA GLY J 9 22.14 -16.74 22.48
C GLY J 9 23.35 -16.07 21.85
N ARG J 10 24.17 -16.85 21.16
CA ARG J 10 25.32 -16.32 20.46
C ARG J 10 24.87 -15.45 19.29
N GLN J 11 23.93 -15.96 18.49
CA GLN J 11 23.37 -15.21 17.38
C GLN J 11 22.85 -13.86 17.85
N LEU J 12 22.18 -13.86 19.00
CA LEU J 12 21.65 -12.62 19.58
C LEU J 12 22.78 -11.63 19.90
N ALA J 13 23.95 -12.17 20.23
CA ALA J 13 25.10 -11.33 20.54
C ALA J 13 25.75 -10.80 19.26
N ILE J 14 25.76 -11.63 18.21
CA ILE J 14 26.27 -11.20 16.91
C ILE J 14 25.42 -10.05 16.38
N ILE J 15 24.10 -10.24 16.38
CA ILE J 15 23.18 -9.20 15.92
C ILE J 15 23.40 -7.92 16.72
N GLY J 16 23.50 -8.06 18.03
CA GLY J 16 23.68 -6.90 18.92
C GLY J 16 24.90 -6.09 18.56
N ASP J 17 25.99 -6.77 18.22
CA ASP J 17 27.22 -6.09 17.84
C ASP J 17 27.04 -5.28 16.56
N ASP J 18 26.28 -5.82 15.62
CA ASP J 18 26.06 -5.15 14.34
C ASP J 18 25.17 -3.92 14.54
N ILE J 19 24.22 -4.02 15.45
CA ILE J 19 23.35 -2.88 15.77
C ILE J 19 24.17 -1.79 16.44
N ASN J 20 25.09 -2.19 17.32
CA ASN J 20 25.95 -1.23 18.00
C ASN J 20 26.86 -0.49 17.01
N ARG J 21 27.29 -1.21 15.97
CA ARG J 21 28.20 -0.66 14.99
C ARG J 21 27.52 0.34 14.07
N ARG J 22 26.26 0.08 13.73
CA ARG J 22 25.54 0.87 12.73
C ARG J 22 24.73 2.01 13.33
N TYR J 23 23.98 1.72 14.38
CA TYR J 23 23.02 2.68 14.93
C TYR J 23 23.69 3.72 15.83
N ASP J 24 24.64 3.28 16.64
CA ASP J 24 25.29 4.14 17.63
C ASP J 24 26.82 4.09 17.55
N SER J 25 27.35 3.89 16.35
CA SER J 25 28.80 3.89 16.15
C SER J 25 29.16 3.99 14.67
N THR K 31 10.95 -13.63 -47.10
CA THR K 31 11.57 -13.47 -45.79
C THR K 31 12.73 -12.48 -45.83
N ASN K 32 13.12 -12.06 -47.03
CA ASN K 32 14.17 -11.07 -47.20
C ASN K 32 13.64 -9.67 -46.90
N ILE K 33 14.49 -8.80 -46.34
CA ILE K 33 14.08 -7.45 -46.00
C ILE K 33 13.89 -6.59 -47.25
N LEU K 34 14.69 -6.87 -48.27
CA LEU K 34 14.66 -6.07 -49.50
C LEU K 34 13.40 -6.38 -50.32
N ASP K 35 12.69 -7.43 -49.95
CA ASP K 35 11.41 -7.74 -50.59
C ASP K 35 10.36 -6.74 -50.15
N TYR K 36 10.54 -6.16 -48.97
CA TYR K 36 9.60 -5.21 -48.39
C TYR K 36 10.08 -3.77 -48.58
N LEU K 37 11.12 -3.59 -49.39
CA LEU K 37 11.64 -2.28 -49.72
C LEU K 37 11.67 -2.08 -51.23
N SER K 38 10.48 -1.97 -51.82
CA SER K 38 10.34 -1.82 -53.26
C SER K 38 10.19 -0.35 -53.65
N THR K 39 9.03 0.22 -53.30
CA THR K 39 8.72 1.61 -53.65
C THR K 39 9.36 2.60 -52.69
N GLU K 40 9.24 3.89 -53.01
CA GLU K 40 9.72 4.93 -52.13
C GLU K 40 8.96 4.87 -50.80
N ARG K 41 7.65 4.69 -50.89
CA ARG K 41 6.79 4.62 -49.72
C ARG K 41 7.26 3.55 -48.75
N ASP K 42 7.79 2.46 -49.30
CA ASP K 42 8.30 1.36 -48.47
C ASP K 42 9.51 1.79 -47.68
N HIS K 43 10.47 2.45 -48.34
CA HIS K 43 11.68 2.91 -47.68
C HIS K 43 11.37 3.94 -46.59
N VAL K 44 10.46 4.86 -46.88
CA VAL K 44 10.12 5.91 -45.94
C VAL K 44 9.37 5.36 -44.74
N MET K 45 8.40 4.49 -44.98
CA MET K 45 7.68 3.83 -43.89
C MET K 45 8.65 3.06 -43.01
N MET K 46 9.58 2.38 -43.64
CA MET K 46 10.59 1.62 -42.92
C MET K 46 11.42 2.55 -42.05
N ALA K 47 11.77 3.70 -42.59
CA ALA K 47 12.59 4.67 -41.88
C ALA K 47 11.85 5.25 -40.68
N VAL K 48 10.55 5.49 -40.84
CA VAL K 48 9.72 6.03 -39.77
C VAL K 48 9.54 5.01 -38.67
N GLN K 49 9.22 3.77 -39.06
CA GLN K 49 9.01 2.69 -38.10
C GLN K 49 10.27 2.43 -37.29
N TYR K 50 11.43 2.57 -37.93
CA TYR K 50 12.69 2.34 -37.25
C TYR K 50 13.00 3.48 -36.28
N TYR K 51 12.68 4.70 -36.67
CA TYR K 51 12.90 5.85 -35.81
C TYR K 51 12.11 5.69 -34.52
N MET K 52 10.81 5.43 -34.66
CA MET K 52 9.93 5.28 -33.52
C MET K 52 10.40 4.17 -32.58
N SER K 53 10.67 3.00 -33.15
CA SER K 53 11.05 1.84 -32.36
C SER K 53 12.42 2.01 -31.71
N LYS K 54 13.35 2.63 -32.42
CA LYS K 54 14.69 2.85 -31.89
C LYS K 54 14.66 3.90 -30.79
N GLN K 55 13.80 4.91 -30.96
CA GLN K 55 13.65 5.95 -29.96
C GLN K 55 13.16 5.37 -28.65
N ARG K 56 12.07 4.60 -28.73
CA ARG K 56 11.48 3.96 -27.57
C ARG K 56 12.47 3.10 -26.82
N LEU K 57 13.33 2.40 -27.56
CA LEU K 57 14.21 1.41 -26.95
C LEU K 57 15.40 2.08 -26.27
N ASP K 58 15.93 3.13 -26.89
CA ASP K 58 17.00 3.90 -26.27
C ASP K 58 16.48 4.58 -25.02
N ASP K 59 15.24 5.06 -25.07
CA ASP K 59 14.61 5.70 -23.94
C ASP K 59 14.37 4.70 -22.82
N LEU K 60 14.02 3.48 -23.19
CA LEU K 60 13.76 2.43 -22.22
C LEU K 60 15.03 2.07 -21.46
N TYR K 61 16.10 1.77 -22.20
CA TYR K 61 17.37 1.40 -21.59
C TYR K 61 17.91 2.52 -20.71
N ARG K 62 17.63 3.76 -21.10
CA ARG K 62 18.08 4.92 -20.35
C ARG K 62 17.44 4.96 -18.96
N GLN K 63 16.22 4.42 -18.85
CA GLN K 63 15.47 4.47 -17.60
C GLN K 63 15.74 3.26 -16.71
N LEU K 64 16.18 2.16 -17.29
CA LEU K 64 16.35 0.92 -16.54
C LEU K 64 17.34 1.09 -15.38
N PRO K 65 17.03 0.50 -14.22
CA PRO K 65 17.94 0.61 -13.06
C PRO K 65 19.32 0.02 -13.31
N THR K 66 20.24 0.23 -12.38
CA THR K 66 21.58 -0.32 -12.48
C THR K 66 21.53 -1.86 -12.51
N LYS K 67 20.55 -2.42 -11.83
CA LYS K 67 20.41 -3.87 -11.75
C LYS K 67 20.02 -4.47 -13.09
N THR K 68 18.90 -3.99 -13.64
CA THR K 68 18.39 -4.51 -14.91
C THR K 68 19.44 -4.42 -15.99
N ARG K 69 20.27 -3.39 -15.94
CA ARG K 69 21.34 -3.21 -16.92
C ARG K 69 22.37 -4.34 -16.83
N SER K 70 22.61 -4.83 -15.62
CA SER K 70 23.58 -5.90 -15.41
C SER K 70 23.05 -7.23 -15.95
N TYR K 71 21.75 -7.45 -15.80
CA TYR K 71 21.10 -8.62 -16.36
C TYR K 71 21.27 -8.63 -17.88
N ILE K 72 21.04 -7.48 -18.49
CA ILE K 72 21.18 -7.31 -19.92
C ILE K 72 22.60 -7.59 -20.37
N ASP K 73 23.57 -7.09 -19.61
CA ASP K 73 24.99 -7.32 -19.92
C ASP K 73 25.33 -8.80 -19.86
N ILE K 74 24.70 -9.50 -18.93
CA ILE K 74 24.93 -10.94 -18.75
C ILE K 74 24.41 -11.72 -19.94
N ILE K 75 23.13 -11.54 -20.25
CA ILE K 75 22.50 -12.25 -21.37
C ILE K 75 23.18 -11.87 -22.68
N ASN K 76 23.49 -10.58 -22.84
CA ASN K 76 24.12 -10.09 -24.06
C ASN K 76 25.47 -10.74 -24.36
N MET K 77 25.99 -11.47 -23.39
CA MET K 77 27.29 -12.12 -23.50
C MET K 77 27.14 -13.61 -23.78
N TYR K 78 26.36 -14.30 -22.96
CA TYR K 78 26.17 -15.73 -23.13
C TYR K 78 25.38 -16.05 -24.41
N CYS K 79 24.22 -15.42 -24.56
CA CYS K 79 23.39 -15.65 -25.73
C CYS K 79 24.12 -15.28 -27.02
N ASP K 80 25.06 -14.34 -26.92
CA ASP K 80 25.83 -13.90 -28.08
C ASP K 80 26.93 -14.89 -28.43
N LYS K 81 27.40 -15.64 -27.43
CA LYS K 81 28.34 -16.73 -27.69
C LYS K 81 27.57 -17.95 -28.20
N VAL K 82 26.38 -18.16 -27.67
CA VAL K 82 25.49 -19.21 -28.16
C VAL K 82 25.15 -18.96 -29.62
N ASN K 83 24.84 -17.71 -29.96
CA ASN K 83 24.50 -17.33 -31.32
C ASN K 83 25.60 -17.64 -32.32
N ASN K 84 26.86 -17.51 -31.90
CA ASN K 84 27.99 -17.79 -32.76
C ASN K 84 28.38 -19.26 -32.73
N ASP K 85 28.33 -19.86 -31.54
CA ASP K 85 28.71 -21.26 -31.38
C ASP K 85 27.76 -22.21 -32.09
N TYR K 86 26.47 -21.88 -32.08
CA TYR K 86 25.44 -22.78 -32.58
C TYR K 86 24.62 -22.17 -33.70
N ASN K 87 25.24 -21.33 -34.52
CA ASN K 87 24.53 -20.66 -35.59
C ASN K 87 23.82 -21.63 -36.53
N ARG K 88 24.52 -22.71 -36.89
CA ARG K 88 23.95 -23.75 -37.75
C ARG K 88 22.71 -24.37 -37.12
N ASP K 89 22.84 -24.78 -35.87
CA ASP K 89 21.76 -25.45 -35.17
C ASP K 89 20.55 -24.52 -35.05
N MET K 90 20.81 -23.24 -34.86
CA MET K 90 19.74 -22.24 -34.85
C MET K 90 19.04 -22.24 -36.21
N ASN K 91 19.83 -22.20 -37.28
CA ASN K 91 19.29 -22.22 -38.63
C ASN K 91 18.53 -23.52 -38.91
N ILE K 92 19.06 -24.62 -38.40
CA ILE K 92 18.43 -25.93 -38.59
C ILE K 92 17.07 -25.99 -37.88
N MET K 93 17.01 -25.49 -36.65
CA MET K 93 15.77 -25.47 -35.90
C MET K 93 14.74 -24.57 -36.58
N TYR K 94 15.23 -23.50 -37.21
CA TYR K 94 14.35 -22.59 -37.93
C TYR K 94 13.75 -23.30 -39.14
N ASP K 95 14.58 -24.02 -39.89
CA ASP K 95 14.11 -24.79 -41.04
C ASP K 95 13.11 -25.85 -40.60
N MET K 96 13.40 -26.50 -39.48
CA MET K 96 12.49 -27.48 -38.89
C MET K 96 11.13 -26.86 -38.59
N ALA K 97 11.15 -25.70 -37.95
CA ALA K 97 9.92 -25.01 -37.57
C ALA K 97 9.15 -24.53 -38.78
N SER K 98 9.88 -24.10 -39.81
CA SER K 98 9.27 -23.56 -41.02
C SER K 98 8.65 -24.65 -41.89
N THR K 99 8.84 -25.91 -41.50
CA THR K 99 8.25 -27.03 -42.21
C THR K 99 6.74 -26.86 -42.33
N GLU K 100 6.06 -26.78 -41.19
CA GLU K 100 4.64 -26.47 -41.15
C GLU K 100 4.45 -25.11 -40.45
N SER K 101 3.58 -24.28 -41.01
CA SER K 101 3.34 -22.95 -40.46
C SER K 101 2.83 -23.03 -39.03
N PHE K 102 3.46 -22.26 -38.14
CA PHE K 102 3.10 -22.25 -36.73
C PHE K 102 2.68 -20.84 -36.31
N THR K 103 2.06 -20.75 -35.13
CA THR K 103 1.67 -19.47 -34.56
C THR K 103 2.55 -19.17 -33.35
N VAL K 104 2.47 -17.93 -32.87
CA VAL K 104 3.22 -17.52 -31.70
C VAL K 104 2.87 -18.40 -30.51
N TYR K 105 1.63 -18.86 -30.46
CA TYR K 105 1.16 -19.70 -29.37
C TYR K 105 1.70 -21.12 -29.47
N ASP K 106 1.88 -21.60 -30.70
CA ASP K 106 2.43 -22.94 -30.93
C ASP K 106 3.84 -23.03 -30.36
N ILE K 107 4.69 -22.06 -30.71
CA ILE K 107 6.06 -22.02 -30.24
C ILE K 107 6.11 -21.75 -28.73
N ASN K 108 5.24 -20.88 -28.24
CA ASN K 108 5.16 -20.62 -26.81
C ASN K 108 4.75 -21.86 -26.02
N ASN K 109 3.68 -22.52 -26.49
CA ASN K 109 3.21 -23.74 -25.86
C ASN K 109 4.28 -24.82 -25.85
N GLU K 110 4.88 -25.05 -27.01
CA GLU K 110 5.92 -26.07 -27.15
C GLU K 110 7.09 -25.80 -26.22
N VAL K 111 7.53 -24.56 -26.18
CA VAL K 111 8.63 -24.17 -25.30
C VAL K 111 8.28 -24.60 -23.89
N ASN K 112 7.25 -24.00 -23.31
CA ASN K 112 6.86 -24.27 -21.93
C ASN K 112 6.82 -25.76 -21.57
N THR K 113 6.45 -26.60 -22.52
CA THR K 113 6.44 -28.05 -22.32
C THR K 113 7.85 -28.55 -21.99
N ILE K 114 8.85 -27.91 -22.58
CA ILE K 114 10.24 -28.31 -22.39
C ILE K 114 10.79 -27.82 -21.05
N LEU K 115 10.19 -26.79 -20.48
CA LEU K 115 10.60 -26.27 -19.17
C LEU K 115 9.77 -26.86 -18.02
N MET K 116 8.75 -27.63 -18.37
CA MET K 116 8.06 -28.48 -17.38
C MET K 116 9.05 -29.54 -16.89
N ASP K 117 10.05 -29.83 -17.70
CA ASP K 117 10.93 -30.98 -17.52
C ASP K 117 12.40 -30.57 -17.35
N ASN K 118 12.93 -29.85 -18.33
CA ASN K 118 14.35 -29.46 -18.31
C ASN K 118 14.58 -28.25 -17.41
N LYS K 119 15.53 -28.37 -16.47
CA LYS K 119 15.77 -27.35 -15.47
C LYS K 119 17.21 -26.83 -15.50
N GLY K 120 17.84 -26.92 -16.67
CA GLY K 120 19.21 -26.44 -16.85
C GLY K 120 19.26 -25.02 -17.36
N LEU K 121 20.44 -24.40 -17.25
CA LEU K 121 20.65 -23.03 -17.70
C LEU K 121 20.88 -22.96 -19.20
N GLY K 122 21.60 -23.95 -19.73
CA GLY K 122 21.94 -23.99 -21.13
C GLY K 122 20.74 -23.94 -22.04
N VAL K 123 19.77 -24.82 -21.79
CA VAL K 123 18.56 -24.88 -22.60
C VAL K 123 17.80 -23.55 -22.60
N ARG K 124 17.84 -22.84 -21.47
CA ARG K 124 17.16 -21.55 -21.38
C ARG K 124 17.90 -20.50 -22.20
N LEU K 125 19.23 -20.50 -22.13
CA LEU K 125 20.03 -19.61 -22.97
C LEU K 125 19.78 -19.92 -24.45
N ALA K 126 19.71 -21.22 -24.77
CA ALA K 126 19.50 -21.66 -26.16
C ALA K 126 18.16 -21.17 -26.68
N THR K 127 17.13 -21.26 -25.86
CA THR K 127 15.80 -20.84 -26.25
C THR K 127 15.77 -19.34 -26.55
N ILE K 128 16.38 -18.54 -25.68
CA ILE K 128 16.46 -17.10 -25.90
C ILE K 128 17.10 -16.80 -27.25
N SER K 129 18.17 -17.53 -27.57
CA SER K 129 18.87 -17.33 -28.83
C SER K 129 18.01 -17.72 -30.02
N PHE K 130 17.19 -18.76 -29.85
CA PHE K 130 16.36 -19.25 -30.94
C PHE K 130 15.17 -18.34 -31.21
N ILE K 131 14.53 -17.84 -30.15
CA ILE K 131 13.40 -16.94 -30.32
C ILE K 131 13.89 -15.65 -30.97
N THR K 132 15.08 -15.22 -30.57
CA THR K 132 15.72 -14.05 -31.17
C THR K 132 15.87 -14.26 -32.68
N GLU K 133 16.25 -15.48 -33.07
CA GLU K 133 16.38 -15.81 -34.48
C GLU K 133 15.04 -15.73 -35.20
N LEU K 134 14.02 -16.34 -34.61
CA LEU K 134 12.67 -16.27 -35.17
C LEU K 134 12.25 -14.83 -35.36
N GLY K 135 12.59 -13.98 -34.40
CA GLY K 135 12.25 -12.57 -34.45
C GLY K 135 12.97 -11.85 -35.57
N LYS K 136 14.25 -12.17 -35.77
CA LYS K 136 15.04 -11.56 -36.83
C LYS K 136 14.52 -11.93 -38.21
N ARG K 137 13.95 -13.13 -38.31
CA ARG K 137 13.49 -13.65 -39.60
C ARG K 137 12.01 -13.39 -39.81
N CYS K 138 11.33 -12.93 -38.76
CA CYS K 138 9.93 -12.54 -38.89
C CYS K 138 9.83 -11.14 -39.47
N MET K 139 8.92 -10.96 -40.41
CA MET K 139 8.77 -9.69 -41.10
C MET K 139 7.54 -8.91 -40.63
N ASN K 140 6.81 -9.48 -39.68
CA ASN K 140 5.68 -8.80 -39.06
C ASN K 140 6.09 -8.26 -37.68
N PRO K 141 6.23 -6.93 -37.57
CA PRO K 141 6.65 -6.31 -36.29
C PRO K 141 5.76 -6.69 -35.11
N VAL K 142 4.44 -6.62 -35.30
CA VAL K 142 3.50 -6.89 -34.22
C VAL K 142 3.63 -8.32 -33.70
N GLU K 143 3.62 -9.28 -34.63
CA GLU K 143 3.73 -10.70 -34.27
C GLU K 143 5.04 -10.98 -33.54
N THR K 144 6.11 -10.31 -33.95
CA THR K 144 7.42 -10.51 -33.34
C THR K 144 7.42 -10.06 -31.89
N ILE K 145 6.90 -8.87 -31.63
CA ILE K 145 6.82 -8.36 -30.27
C ILE K 145 5.87 -9.22 -29.45
N LYS K 146 4.77 -9.65 -30.07
CA LYS K 146 3.85 -10.58 -29.41
C LYS K 146 4.61 -11.80 -28.94
N MET K 147 5.52 -12.29 -29.78
CA MET K 147 6.32 -13.45 -29.46
C MET K 147 7.33 -13.15 -28.36
N PHE K 148 8.13 -12.09 -28.55
CA PHE K 148 9.10 -11.68 -27.54
C PHE K 148 8.44 -11.50 -26.18
N THR K 149 7.29 -10.83 -26.16
CA THR K 149 6.57 -10.60 -24.92
C THR K 149 6.15 -11.92 -24.31
N LEU K 150 5.45 -12.73 -25.09
CA LEU K 150 4.88 -13.97 -24.61
C LEU K 150 5.97 -14.97 -24.21
N LEU K 151 6.98 -15.13 -25.06
CA LEU K 151 8.04 -16.10 -24.79
C LEU K 151 8.93 -15.68 -23.62
N SER K 152 9.09 -14.38 -23.42
CA SER K 152 9.89 -13.89 -22.30
C SER K 152 9.25 -14.28 -20.97
N HIS K 153 7.93 -14.40 -20.95
CA HIS K 153 7.22 -14.89 -19.78
C HIS K 153 7.62 -16.33 -19.47
N THR K 154 7.42 -17.19 -20.46
CA THR K 154 7.66 -18.62 -20.31
C THR K 154 9.11 -18.92 -19.92
N ILE K 155 10.05 -18.26 -20.59
CA ILE K 155 11.46 -18.52 -20.37
C ILE K 155 11.89 -18.10 -18.96
N CYS K 156 11.28 -17.04 -18.44
CA CYS K 156 11.67 -16.51 -17.14
C CYS K 156 10.87 -17.16 -16.02
N ASP K 157 10.93 -18.49 -15.94
CA ASP K 157 10.36 -19.21 -14.81
C ASP K 157 11.32 -19.13 -13.63
N ASP K 158 10.88 -19.58 -12.46
CA ASP K 158 11.69 -19.55 -11.24
C ASP K 158 13.08 -20.15 -11.46
N CYS K 159 13.14 -21.26 -12.19
CA CYS K 159 14.40 -21.93 -12.47
C CYS K 159 15.41 -20.98 -13.11
N PHE K 160 15.00 -20.30 -14.18
CA PHE K 160 15.85 -19.33 -14.87
C PHE K 160 16.34 -18.23 -13.94
N ILE K 161 15.39 -17.46 -13.39
CA ILE K 161 15.67 -16.34 -12.48
C ILE K 161 16.75 -16.67 -11.45
N ASP K 162 16.65 -17.85 -10.84
CA ASP K 162 17.63 -18.31 -9.86
C ASP K 162 19.05 -18.27 -10.41
N TYR K 163 19.21 -18.64 -11.68
CA TYR K 163 20.55 -18.68 -12.28
C TYR K 163 21.17 -17.28 -12.38
N ILE K 164 20.49 -16.36 -13.08
CA ILE K 164 21.04 -15.02 -13.34
C ILE K 164 21.45 -14.28 -12.06
N THR K 165 20.53 -14.21 -11.10
CA THR K 165 20.82 -13.54 -9.83
C THR K 165 22.00 -14.21 -9.12
N ASP K 166 22.23 -15.48 -9.45
CA ASP K 166 23.25 -16.28 -8.80
C ASP K 166 24.63 -16.11 -9.46
N ILE K 167 24.68 -15.41 -10.59
CA ILE K 167 25.95 -15.18 -11.30
C ILE K 167 26.49 -13.79 -10.98
N SER K 168 25.58 -12.88 -10.63
CA SER K 168 25.94 -11.50 -10.29
C SER K 168 25.71 -11.23 -8.81
N SER L 3 4.79 -33.85 -35.14
CA SER L 3 5.40 -33.23 -33.98
C SER L 3 6.54 -32.30 -34.38
N THR L 4 6.27 -31.42 -35.34
CA THR L 4 7.25 -30.44 -35.79
C THR L 4 7.78 -29.62 -34.61
N MET L 5 6.86 -29.11 -33.79
CA MET L 5 7.22 -28.39 -32.59
C MET L 5 7.98 -29.30 -31.64
N GLY L 6 7.57 -30.57 -31.61
CA GLY L 6 8.25 -31.56 -30.80
C GLY L 6 9.72 -31.68 -31.15
N GLN L 7 10.01 -31.66 -32.45
CA GLN L 7 11.39 -31.76 -32.92
C GLN L 7 12.22 -30.57 -32.46
N VAL L 8 11.70 -29.36 -32.70
CA VAL L 8 12.37 -28.13 -32.28
C VAL L 8 12.63 -28.13 -30.78
N GLY L 9 11.67 -28.61 -30.01
CA GLY L 9 11.80 -28.69 -28.57
C GLY L 9 12.89 -29.64 -28.15
N ARG L 10 12.96 -30.80 -28.81
CA ARG L 10 13.99 -31.79 -28.50
C ARG L 10 15.37 -31.22 -28.81
N GLN L 11 15.47 -30.47 -29.91
CA GLN L 11 16.75 -29.88 -30.30
C GLN L 11 17.22 -28.82 -29.31
N LEU L 12 16.29 -28.00 -28.83
CA LEU L 12 16.62 -26.97 -27.85
C LEU L 12 17.17 -27.60 -26.58
N ALA L 13 16.65 -28.77 -26.23
CA ALA L 13 17.11 -29.47 -25.04
C ALA L 13 18.49 -30.07 -25.26
N ILE L 14 18.71 -30.63 -26.45
CA ILE L 14 19.99 -31.22 -26.80
C ILE L 14 21.08 -30.15 -26.85
N ILE L 15 20.77 -29.02 -27.48
CA ILE L 15 21.70 -27.90 -27.53
C ILE L 15 21.97 -27.35 -26.15
N GLY L 16 20.93 -27.24 -25.34
CA GLY L 16 21.05 -26.75 -23.97
C GLY L 16 21.99 -27.59 -23.14
N ASP L 17 21.85 -28.90 -23.25
CA ASP L 17 22.69 -29.84 -22.50
C ASP L 17 24.15 -29.73 -22.93
N ASP L 18 24.37 -29.26 -24.16
CA ASP L 18 25.73 -29.13 -24.68
C ASP L 18 26.34 -27.79 -24.26
N ILE L 19 25.49 -26.77 -24.10
CA ILE L 19 25.94 -25.50 -23.58
C ILE L 19 26.46 -25.72 -22.17
N ASN L 20 25.74 -26.50 -21.38
CA ASN L 20 26.13 -26.80 -20.02
C ASN L 20 27.53 -27.41 -19.94
N ARG L 21 27.77 -28.42 -20.79
CA ARG L 21 29.05 -29.12 -20.81
C ARG L 21 30.21 -28.18 -21.13
N ARG L 22 30.11 -27.49 -22.26
CA ARG L 22 31.21 -26.70 -22.77
C ARG L 22 31.50 -25.46 -21.93
N TYR L 23 30.56 -25.11 -21.05
CA TYR L 23 30.73 -23.94 -20.19
C TYR L 23 31.11 -24.32 -18.77
N ASP L 24 30.52 -25.38 -18.25
CA ASP L 24 30.77 -25.82 -16.88
C ASP L 24 30.26 -27.23 -16.64
#